data_2DU4
#
_entry.id   2DU4
#
_cell.length_a   148.433
_cell.length_b   148.433
_cell.length_c   151.532
_cell.angle_alpha   90.00
_cell.angle_beta   90.00
_cell.angle_gamma   120.00
#
_symmetry.space_group_name_H-M   'P 31 2 1'
#
loop_
_entity.id
_entity.type
_entity.pdbx_description
1 polymer tRNA
2 polymer 'O-phosphoseryl-tRNA synthetase'
3 water water
#
loop_
_entity_poly.entity_id
_entity_poly.type
_entity_poly.pdbx_seq_one_letter_code
_entity_poly.pdbx_strand_id
1 'polyribonucleotide' GCCAGGGUGGCAGAGGGGCUUUGCGGCGGACUGCAGAUCCGCUUUACCCCGGUUCGAAUCCGGGCCCUGGC C
2 'polypeptide(L)'
;MKFDPQKYRELAEKDFEAAWKAGKEILAERSPNELYPRVGFSFGKEHPLFATIQRLREAYLSIGFSEVVNPLIVEDVHVK
KQFGREALAVLDRCFYLATLPKPNVGISAEKIRQIEAITKREVDSKPLQEIFHRYKKGEIDGDDLSYLIAEVLDVDDITA
VKILDEVFPEFKELKPISSTLTLRSHMTTGWFITLSHIADKLPLPIKLFSIDRCFRREQGEDATRLYTYFSASCVLVDEE
LSVDDGKAVAEALLRQFGFENFRFRKDEKRSKYYIPDTQTEVFAFHPKLVGSSTKYSDGWIEIATFGIYSPTALAEYDIP
YPVMNLGLGVERLAMILYGYDDVRKMVYPQIHGEIKLSDLDIAREIKVKEVPQTAVGLKIAQSIVETAEKHASEPSPCSF
LAFEGEMMGRNVRVYVVEEEENTKLCGPAYANEVVVYKGDIYGIPKTKKWRSFFEEGVPTGIRYIDGFAYYAARKVEEAA
MREQEEVKVKARIVENLSDINLYIHENVRRYILWKKGKIDVRGPLFVTVKAEIE
;
A,B
#
loop_
_chem_comp.id
_chem_comp.type
_chem_comp.name
_chem_comp.formula
A RNA linking ADENOSINE-5'-MONOPHOSPHATE 'C10 H14 N5 O7 P'
C RNA linking CYTIDINE-5'-MONOPHOSPHATE 'C9 H14 N3 O8 P'
G RNA linking GUANOSINE-5'-MONOPHOSPHATE 'C10 H14 N5 O8 P'
U RNA linking URIDINE-5'-MONOPHOSPHATE 'C9 H13 N2 O9 P'
#
# COMPACT_ATOMS: atom_id res chain seq x y z
N MET B 1 40.54 1.44 11.59
CA MET B 1 41.31 2.63 11.12
C MET B 1 41.71 2.46 9.65
N LYS B 2 42.02 3.54 8.95
CA LYS B 2 42.42 3.31 7.57
C LYS B 2 43.84 2.78 7.51
N PHE B 3 44.28 2.40 6.33
CA PHE B 3 45.59 1.82 6.18
C PHE B 3 46.15 2.17 4.83
N ASP B 4 47.32 1.63 4.48
CA ASP B 4 47.94 1.95 3.18
C ASP B 4 47.91 0.84 2.13
N PRO B 5 47.18 1.05 1.05
CA PRO B 5 47.15 0.02 0.02
C PRO B 5 48.55 -0.43 -0.43
N GLN B 6 49.40 0.51 -0.83
CA GLN B 6 50.74 0.15 -1.31
C GLN B 6 51.61 -0.58 -0.29
N LYS B 7 51.78 -0.02 0.89
CA LYS B 7 52.56 -0.69 1.92
C LYS B 7 52.05 -2.16 2.11
N TYR B 8 50.74 -2.37 2.21
CA TYR B 8 50.19 -3.72 2.39
C TYR B 8 50.33 -4.62 1.17
N ARG B 9 50.42 -4.04 -0.02
CA ARG B 9 50.59 -4.83 -1.23
C ARG B 9 52.00 -5.33 -1.30
N GLU B 10 52.94 -4.43 -1.00
CA GLU B 10 54.36 -4.73 -1.09
C GLU B 10 54.87 -5.66 -0.01
N LEU B 11 54.19 -5.68 1.13
CA LEU B 11 54.54 -6.59 2.21
C LEU B 11 53.80 -7.92 2.04
N ALA B 12 52.61 -7.88 1.45
CA ALA B 12 51.86 -9.11 1.29
C ALA B 12 52.44 -9.96 0.18
N GLU B 13 53.00 -9.30 -0.83
CA GLU B 13 53.61 -10.01 -1.95
C GLU B 13 54.90 -10.75 -1.53
N LYS B 14 55.56 -10.25 -0.48
CA LYS B 14 56.79 -10.86 0.00
C LYS B 14 56.50 -11.82 1.18
N ASP B 15 55.82 -11.36 2.22
CA ASP B 15 55.49 -12.22 3.36
C ASP B 15 53.95 -12.16 3.64
N PHE B 16 53.18 -12.92 2.87
CA PHE B 16 51.74 -12.91 3.03
C PHE B 16 51.22 -13.19 4.42
N GLU B 17 51.69 -14.23 5.07
CA GLU B 17 51.22 -14.50 6.41
C GLU B 17 51.40 -13.31 7.37
N ALA B 18 52.50 -12.55 7.22
CA ALA B 18 52.78 -11.42 8.10
C ALA B 18 51.74 -10.36 7.94
N ALA B 19 51.54 -9.98 6.68
CA ALA B 19 50.56 -8.97 6.31
C ALA B 19 49.21 -9.37 6.91
N TRP B 20 48.76 -10.58 6.58
CA TRP B 20 47.51 -11.13 7.05
C TRP B 20 47.30 -11.00 8.54
N LYS B 21 48.18 -11.63 9.29
CA LYS B 21 48.12 -11.61 10.75
C LYS B 21 48.13 -10.15 11.27
N ALA B 22 48.71 -9.25 10.46
CA ALA B 22 48.82 -7.83 10.80
C ALA B 22 47.52 -7.08 10.54
N GLY B 23 46.69 -7.60 9.64
CA GLY B 23 45.41 -6.99 9.32
C GLY B 23 44.62 -6.57 10.57
N LYS B 24 44.74 -7.36 11.63
CA LYS B 24 44.08 -7.07 12.89
C LYS B 24 44.24 -5.64 13.38
N GLU B 25 45.32 -4.97 12.98
CA GLU B 25 45.57 -3.58 13.41
C GLU B 25 44.54 -2.58 12.93
N ILE B 26 43.91 -2.83 11.78
CA ILE B 26 42.92 -1.91 11.24
C ILE B 26 41.53 -2.04 11.89
N LEU B 27 41.32 -3.07 12.70
CA LEU B 27 40.03 -3.25 13.39
C LEU B 27 39.88 -2.27 14.55
N ALA B 28 38.67 -1.84 14.81
CA ALA B 28 38.41 -0.91 15.91
C ALA B 28 38.37 -1.69 17.21
N GLU B 29 38.98 -1.14 18.27
CA GLU B 29 38.94 -1.81 19.57
C GLU B 29 37.81 -1.12 20.27
N ARG B 30 36.77 -1.87 20.62
CA ARG B 30 35.58 -1.30 21.23
C ARG B 30 35.46 -1.24 22.76
N SER B 31 34.97 -0.11 23.26
CA SER B 31 34.71 0.06 24.69
C SER B 31 33.35 -0.68 24.88
N PRO B 32 33.07 -1.22 26.09
CA PRO B 32 31.85 -1.98 26.43
C PRO B 32 30.45 -1.59 25.88
N ASN B 33 30.15 -0.31 25.76
CA ASN B 33 28.84 0.05 25.21
C ASN B 33 28.83 0.08 23.68
N GLU B 34 29.92 -0.35 23.05
CA GLU B 34 30.00 -0.35 21.60
C GLU B 34 30.05 -1.77 21.07
N LEU B 35 29.79 -2.73 21.96
CA LEU B 35 29.74 -4.15 21.64
C LEU B 35 28.35 -4.77 21.49
N TYR B 36 28.13 -5.55 20.44
CA TYR B 36 26.87 -6.22 20.30
C TYR B 36 26.69 -6.98 21.64
N PRO B 37 25.46 -7.08 22.19
CA PRO B 37 24.17 -6.55 21.72
C PRO B 37 23.90 -5.10 22.05
N ARG B 38 24.82 -4.43 22.74
CA ARG B 38 24.64 -3.02 23.07
C ARG B 38 24.66 -2.09 21.84
N VAL B 39 24.95 -2.61 20.66
CA VAL B 39 24.91 -1.80 19.42
C VAL B 39 23.94 -2.50 18.49
N GLY B 40 23.24 -1.74 17.65
CA GLY B 40 22.29 -2.35 16.73
C GLY B 40 21.61 -1.42 15.74
N PHE B 41 21.36 -1.90 14.55
CA PHE B 41 20.67 -1.10 13.53
C PHE B 41 19.20 -1.38 13.82
N SER B 42 18.32 -0.57 13.27
CA SER B 42 16.90 -0.82 13.45
C SER B 42 16.13 -0.63 12.14
N PHE B 43 14.84 -0.89 12.18
CA PHE B 43 14.07 -0.72 10.98
C PHE B 43 12.59 -0.56 11.32
N GLY B 44 11.87 0.14 10.45
CA GLY B 44 10.46 0.35 10.72
C GLY B 44 9.59 -0.84 10.45
N LYS B 45 8.67 -1.14 11.36
CA LYS B 45 7.70 -2.25 11.17
C LYS B 45 6.39 -1.67 10.58
N GLU B 46 5.52 -2.53 10.06
CA GLU B 46 4.31 -2.05 9.47
C GLU B 46 3.11 -2.57 10.23
N HIS B 47 2.01 -1.82 10.22
CA HIS B 47 0.85 -2.26 10.99
C HIS B 47 0.05 -3.32 10.21
N PRO B 48 -0.41 -4.38 10.91
CA PRO B 48 -1.19 -5.45 10.28
C PRO B 48 -2.37 -5.01 9.41
N LEU B 49 -3.16 -4.01 9.84
CA LEU B 49 -4.29 -3.48 9.02
C LEU B 49 -3.81 -3.02 7.63
N PHE B 50 -2.86 -2.08 7.62
CA PHE B 50 -2.32 -1.54 6.38
C PHE B 50 -1.56 -2.55 5.52
N ALA B 51 -0.92 -3.52 6.15
CA ALA B 51 -0.25 -4.57 5.41
C ALA B 51 -1.35 -5.25 4.62
N THR B 52 -2.41 -5.66 5.35
CA THR B 52 -3.57 -6.32 4.76
C THR B 52 -4.23 -5.50 3.65
N ILE B 53 -4.46 -4.22 3.91
CA ILE B 53 -5.06 -3.37 2.88
C ILE B 53 -4.21 -3.34 1.59
N GLN B 54 -2.91 -3.36 1.74
CA GLN B 54 -2.07 -3.31 0.56
C GLN B 54 -2.06 -4.61 -0.20
N ARG B 55 -2.27 -5.68 0.56
CA ARG B 55 -2.29 -7.00 0.00
C ARG B 55 -3.55 -7.13 -0.80
N LEU B 56 -4.64 -6.68 -0.18
CA LEU B 56 -5.96 -6.68 -0.77
C LEU B 56 -5.92 -5.88 -2.11
N ARG B 57 -5.19 -4.75 -2.10
CA ARG B 57 -5.07 -3.92 -3.30
C ARG B 57 -4.44 -4.74 -4.42
N GLU B 58 -3.36 -5.43 -4.10
CA GLU B 58 -2.69 -6.26 -5.09
C GLU B 58 -3.61 -7.42 -5.48
N ALA B 59 -4.43 -7.92 -4.55
CA ALA B 59 -5.35 -9.03 -4.83
C ALA B 59 -6.39 -8.67 -5.90
N TYR B 60 -7.06 -7.55 -5.72
CA TYR B 60 -8.04 -7.07 -6.69
C TYR B 60 -7.38 -6.66 -8.01
N LEU B 61 -6.20 -6.03 -7.93
CA LEU B 61 -5.51 -5.63 -9.14
C LEU B 61 -5.18 -6.84 -10.04
N SER B 62 -4.54 -7.84 -9.45
CA SER B 62 -4.16 -9.06 -10.16
C SER B 62 -5.38 -9.78 -10.83
N ILE B 63 -6.58 -9.62 -10.29
CA ILE B 63 -7.76 -10.23 -10.94
C ILE B 63 -8.55 -9.24 -11.79
N GLY B 64 -7.85 -8.22 -12.30
CA GLY B 64 -8.44 -7.23 -13.22
C GLY B 64 -9.41 -6.13 -12.82
N PHE B 65 -9.50 -5.83 -11.53
CA PHE B 65 -10.34 -4.76 -11.05
C PHE B 65 -9.51 -3.48 -11.00
N SER B 66 -10.14 -2.32 -11.19
CA SER B 66 -9.39 -1.08 -11.11
C SER B 66 -9.75 -0.22 -9.95
N GLU B 67 -8.75 0.52 -9.48
CA GLU B 67 -8.96 1.35 -8.30
C GLU B 67 -9.76 2.60 -8.49
N VAL B 68 -10.51 2.89 -7.45
CA VAL B 68 -11.44 3.98 -7.45
C VAL B 68 -11.62 4.56 -6.04
N VAL B 69 -11.93 5.85 -5.96
CA VAL B 69 -12.20 6.45 -4.67
C VAL B 69 -13.68 6.83 -4.67
N ASN B 70 -14.49 6.22 -3.82
CA ASN B 70 -15.90 6.61 -3.83
C ASN B 70 -16.16 7.72 -2.81
N PRO B 71 -17.33 8.38 -2.91
CA PRO B 71 -17.74 9.46 -2.03
C PRO B 71 -17.93 8.87 -0.65
N LEU B 72 -17.39 9.53 0.36
CA LEU B 72 -17.46 9.04 1.72
C LEU B 72 -18.57 9.81 2.45
N ILE B 73 -18.54 11.14 2.35
CA ILE B 73 -19.56 12.02 2.95
C ILE B 73 -20.76 12.11 1.96
N VAL B 74 -21.93 11.62 2.37
CA VAL B 74 -23.08 11.66 1.48
C VAL B 74 -24.42 12.12 2.08
N GLU B 75 -25.15 12.87 1.26
CA GLU B 75 -26.47 13.37 1.63
C GLU B 75 -27.35 12.15 1.95
N ASP B 76 -27.91 12.05 3.16
CA ASP B 76 -28.68 10.84 3.47
C ASP B 76 -29.85 10.51 2.54
N VAL B 77 -30.07 11.39 1.56
CA VAL B 77 -31.11 11.19 0.54
C VAL B 77 -30.80 9.96 -0.28
N HIS B 78 -29.53 9.54 -0.20
CA HIS B 78 -29.07 8.37 -0.95
C HIS B 78 -29.41 7.05 -0.29
N VAL B 79 -29.57 7.03 1.04
CA VAL B 79 -29.94 5.79 1.71
C VAL B 79 -31.43 5.56 1.41
N LYS B 80 -32.19 6.66 1.34
CA LYS B 80 -33.61 6.60 1.03
C LYS B 80 -33.80 6.06 -0.39
N LYS B 81 -32.94 6.49 -1.33
CA LYS B 81 -33.04 6.04 -2.72
C LYS B 81 -32.62 4.60 -2.92
N GLN B 82 -31.75 4.11 -2.05
CA GLN B 82 -31.22 2.76 -2.14
C GLN B 82 -31.91 1.66 -1.33
N PHE B 83 -32.54 2.01 -0.21
CA PHE B 83 -33.23 1.03 0.65
C PHE B 83 -34.77 1.07 0.65
N GLY B 84 -35.35 2.14 0.11
CA GLY B 84 -36.80 2.26 0.10
C GLY B 84 -37.33 2.68 1.46
N ARG B 85 -38.06 1.78 2.12
CA ARG B 85 -38.63 2.04 3.45
C ARG B 85 -37.63 1.65 4.52
N GLU B 86 -36.93 0.54 4.29
CA GLU B 86 -35.93 0.04 5.23
C GLU B 86 -34.92 1.17 5.49
N ALA B 87 -34.95 2.18 4.62
CA ALA B 87 -34.06 3.35 4.69
C ALA B 87 -33.92 4.01 6.06
N LEU B 88 -35.02 4.18 6.78
CA LEU B 88 -35.00 4.84 8.08
C LEU B 88 -34.36 4.02 9.22
N ALA B 89 -34.31 2.70 9.04
CA ALA B 89 -33.72 1.82 10.05
C ALA B 89 -32.22 1.71 9.82
N VAL B 90 -31.80 2.11 8.62
CA VAL B 90 -30.39 2.08 8.25
C VAL B 90 -29.72 3.38 8.69
N LEU B 91 -30.48 4.46 8.71
CA LEU B 91 -29.92 5.73 9.10
C LEU B 91 -29.83 5.87 10.61
N ASP B 92 -30.40 4.91 11.34
CA ASP B 92 -30.34 4.94 12.80
C ASP B 92 -28.99 4.44 13.27
N ARG B 93 -28.37 3.61 12.43
CA ARG B 93 -27.04 3.05 12.69
C ARG B 93 -25.92 3.94 12.08
N CYS B 94 -26.29 5.07 11.44
CA CYS B 94 -25.35 6.03 10.80
C CYS B 94 -24.94 7.23 11.64
N PHE B 95 -24.00 8.02 11.11
CA PHE B 95 -23.52 9.24 11.78
C PHE B 95 -23.89 10.41 10.89
N TYR B 96 -24.32 11.52 11.49
CA TYR B 96 -24.65 12.72 10.71
C TYR B 96 -23.60 13.79 10.99
N LEU B 97 -23.19 14.49 9.96
CA LEU B 97 -22.17 15.49 10.18
C LEU B 97 -22.83 16.74 10.74
N ALA B 98 -22.34 17.20 11.90
CA ALA B 98 -22.86 18.40 12.55
C ALA B 98 -21.71 19.42 12.59
N THR B 99 -22.05 20.69 12.58
CA THR B 99 -21.07 21.75 12.55
C THR B 99 -21.22 22.73 13.73
N LEU B 100 -20.34 23.72 13.79
CA LEU B 100 -20.38 24.73 14.85
C LEU B 100 -20.75 26.06 14.22
N PRO B 101 -21.88 26.66 14.65
CA PRO B 101 -22.37 27.95 14.14
C PRO B 101 -21.44 29.09 14.59
N LYS B 102 -21.55 30.25 13.93
CA LYS B 102 -20.71 31.41 14.25
C LYS B 102 -21.20 32.26 15.44
N PHE B 171 -18.57 33.48 22.12
CA PHE B 171 -17.81 32.29 21.60
C PHE B 171 -18.10 31.02 22.44
N LYS B 172 -17.73 31.07 23.72
CA LYS B 172 -17.92 29.92 24.63
C LYS B 172 -19.34 29.33 24.58
N GLU B 173 -20.24 30.08 23.95
CA GLU B 173 -21.66 29.71 23.76
C GLU B 173 -21.82 28.49 22.84
N LEU B 174 -21.55 28.69 21.56
CA LEU B 174 -21.65 27.72 20.44
C LEU B 174 -22.00 26.26 20.75
N LYS B 175 -22.71 25.62 19.81
CA LYS B 175 -23.11 24.22 19.93
C LYS B 175 -23.33 23.63 18.53
N PRO B 176 -22.89 22.37 18.32
CA PRO B 176 -23.02 21.64 17.05
C PRO B 176 -24.45 21.57 16.47
N ILE B 177 -24.59 21.98 15.21
CA ILE B 177 -25.88 21.95 14.55
C ILE B 177 -25.91 20.90 13.44
N SER B 178 -26.58 19.78 13.71
CA SER B 178 -26.69 18.67 12.77
C SER B 178 -27.02 19.15 11.37
N SER B 179 -26.87 18.25 10.41
CA SER B 179 -27.17 18.60 9.04
C SER B 179 -27.74 17.36 8.42
N THR B 180 -27.87 17.41 7.11
CA THR B 180 -28.44 16.35 6.32
C THR B 180 -27.36 15.32 5.91
N LEU B 181 -26.10 15.77 5.95
CA LEU B 181 -24.93 14.96 5.58
C LEU B 181 -24.55 13.75 6.45
N THR B 182 -24.24 12.64 5.78
CA THR B 182 -23.84 11.47 6.52
C THR B 182 -22.47 10.95 6.08
N LEU B 183 -21.94 10.00 6.86
CA LEU B 183 -20.67 9.34 6.61
C LEU B 183 -21.07 7.91 6.18
N ARG B 184 -20.89 7.57 4.91
CA ARG B 184 -21.29 6.24 4.42
C ARG B 184 -21.17 5.09 5.43
N SER B 185 -22.25 4.32 5.60
CA SER B 185 -22.22 3.20 6.54
C SER B 185 -21.61 1.96 5.85
N HIS B 186 -21.47 2.03 4.53
CA HIS B 186 -20.87 0.98 3.72
C HIS B 186 -20.55 1.44 2.30
N MET B 187 -19.55 0.82 1.69
CA MET B 187 -19.11 1.19 0.36
C MET B 187 -20.24 1.31 -0.67
N THR B 188 -21.32 0.58 -0.47
CA THR B 188 -22.44 0.62 -1.39
C THR B 188 -23.05 1.99 -1.60
N THR B 189 -23.28 2.72 -0.49
CA THR B 189 -23.89 4.06 -0.54
C THR B 189 -23.19 4.92 -1.62
N GLY B 190 -21.89 4.73 -1.78
CA GLY B 190 -21.14 5.48 -2.76
C GLY B 190 -20.97 4.78 -4.09
N TRP B 191 -21.06 3.45 -4.15
CA TRP B 191 -20.89 2.80 -5.44
C TRP B 191 -21.90 3.34 -6.41
N PHE B 192 -23.14 3.54 -5.94
CA PHE B 192 -24.23 4.05 -6.78
C PHE B 192 -23.92 5.39 -7.45
N ILE B 193 -23.50 6.34 -6.64
CA ILE B 193 -23.10 7.65 -7.12
C ILE B 193 -22.00 7.47 -8.19
N THR B 194 -20.92 6.78 -7.84
CA THR B 194 -19.82 6.57 -8.77
C THR B 194 -20.25 5.86 -10.05
N LEU B 195 -21.04 4.81 -9.90
CA LEU B 195 -21.49 4.04 -11.06
C LEU B 195 -22.40 4.83 -11.99
N SER B 196 -23.26 5.67 -11.41
CA SER B 196 -24.17 6.49 -12.23
C SER B 196 -23.41 7.30 -13.30
N HIS B 197 -22.28 7.88 -12.95
CA HIS B 197 -21.52 8.65 -13.92
C HIS B 197 -20.81 7.84 -15.03
N ILE B 198 -20.69 6.52 -14.91
CA ILE B 198 -19.97 5.76 -15.94
C ILE B 198 -20.45 4.37 -16.36
N ALA B 199 -21.54 3.84 -15.80
CA ALA B 199 -21.97 2.49 -16.19
C ALA B 199 -22.39 2.34 -17.65
N ASP B 200 -22.92 3.39 -18.27
CA ASP B 200 -23.33 3.28 -19.68
C ASP B 200 -22.31 3.87 -20.64
N LYS B 201 -21.30 4.50 -20.05
CA LYS B 201 -20.24 5.19 -20.80
C LYS B 201 -18.88 4.49 -20.94
N LEU B 202 -18.74 3.31 -20.33
CA LEU B 202 -17.48 2.56 -20.38
C LEU B 202 -17.66 1.17 -20.92
N PRO B 203 -16.64 0.65 -21.61
CA PRO B 203 -16.79 -0.71 -22.16
C PRO B 203 -17.06 -1.75 -21.07
N LEU B 204 -17.97 -2.66 -21.37
CA LEU B 204 -18.39 -3.74 -20.47
C LEU B 204 -17.56 -5.01 -20.67
N PRO B 205 -17.25 -5.74 -19.57
CA PRO B 205 -17.63 -5.47 -18.18
C PRO B 205 -16.74 -4.46 -17.47
N ILE B 206 -17.30 -3.82 -16.48
CA ILE B 206 -16.56 -2.86 -15.69
C ILE B 206 -16.25 -3.53 -14.36
N LYS B 207 -14.96 -3.57 -14.02
CA LYS B 207 -14.49 -4.16 -12.77
C LYS B 207 -13.71 -3.12 -11.97
N LEU B 208 -14.31 -2.68 -10.86
CA LEU B 208 -13.73 -1.66 -10.01
C LEU B 208 -13.72 -2.08 -8.54
N PHE B 209 -12.74 -1.57 -7.80
CA PHE B 209 -12.69 -1.85 -6.37
C PHE B 209 -12.24 -0.63 -5.61
N SER B 210 -12.49 -0.69 -4.32
CA SER B 210 -12.03 0.33 -3.41
C SER B 210 -11.97 -0.22 -1.99
N ILE B 211 -10.81 -0.06 -1.36
CA ILE B 211 -10.60 -0.45 0.02
C ILE B 211 -10.54 0.89 0.76
N ASP B 212 -11.48 1.13 1.66
CA ASP B 212 -11.49 2.41 2.35
C ASP B 212 -12.32 2.36 3.64
N ARG B 213 -12.24 3.43 4.42
CA ARG B 213 -12.98 3.57 5.67
C ARG B 213 -14.50 3.82 5.51
N CYS B 214 -15.25 3.35 6.50
CA CYS B 214 -16.70 3.51 6.61
C CYS B 214 -16.98 3.73 8.09
N PHE B 215 -18.22 4.07 8.38
CA PHE B 215 -18.61 4.36 9.74
C PHE B 215 -19.96 3.76 10.01
N ARG B 216 -20.19 3.43 11.27
CA ARG B 216 -21.42 2.78 11.70
C ARG B 216 -21.43 2.80 13.21
N ARG B 217 -22.30 3.62 13.82
CA ARG B 217 -22.39 3.69 15.29
C ARG B 217 -22.85 2.32 15.77
N GLU B 218 -22.21 1.81 16.82
CA GLU B 218 -22.55 0.48 17.32
C GLU B 218 -22.85 0.37 18.80
N GLN B 219 -24.11 0.61 19.15
CA GLN B 219 -24.58 0.53 20.53
C GLN B 219 -23.70 1.30 21.52
N GLY B 220 -23.07 2.37 21.07
CA GLY B 220 -22.21 3.17 21.93
C GLY B 220 -21.09 2.35 22.55
N GLU B 221 -20.37 1.61 21.70
CA GLU B 221 -19.29 0.75 22.18
C GLU B 221 -18.06 0.69 21.26
N ASP B 222 -16.94 0.29 21.86
CA ASP B 222 -15.67 0.10 21.17
C ASP B 222 -15.44 -1.42 21.22
N ALA B 223 -16.13 -2.08 22.16
CA ALA B 223 -16.04 -3.52 22.35
C ALA B 223 -17.02 -4.29 21.48
N THR B 224 -18.25 -3.78 21.34
CA THR B 224 -19.27 -4.43 20.51
C THR B 224 -18.95 -4.19 19.04
N ARG B 225 -18.16 -3.15 18.78
CA ARG B 225 -17.70 -2.74 17.45
C ARG B 225 -17.05 -1.36 17.48
N LEU B 226 -16.06 -1.15 16.61
CA LEU B 226 -15.37 0.14 16.50
C LEU B 226 -16.27 1.00 15.62
N TYR B 227 -16.19 2.32 15.76
CA TYR B 227 -17.03 3.20 14.96
C TYR B 227 -16.63 3.33 13.48
N THR B 228 -15.34 3.18 13.19
CA THR B 228 -14.82 3.25 11.83
C THR B 228 -14.29 1.89 11.49
N TYR B 229 -14.11 1.62 10.21
CA TYR B 229 -13.56 0.32 9.82
C TYR B 229 -13.27 0.37 8.30
N PHE B 230 -12.50 -0.57 7.81
CA PHE B 230 -12.21 -0.60 6.39
C PHE B 230 -13.04 -1.66 5.72
N SER B 231 -13.48 -1.36 4.51
CA SER B 231 -14.27 -2.28 3.71
C SER B 231 -13.53 -2.39 2.39
N ALA B 232 -13.25 -3.61 1.93
CA ALA B 232 -12.55 -3.77 0.64
C ALA B 232 -13.62 -4.26 -0.27
N SER B 233 -14.18 -3.33 -1.04
CA SER B 233 -15.29 -3.67 -1.90
C SER B 233 -15.05 -3.61 -3.38
N CYS B 234 -15.95 -4.21 -4.14
CA CYS B 234 -15.81 -4.18 -5.57
C CYS B 234 -17.15 -4.27 -6.26
N VAL B 235 -17.16 -4.02 -7.57
CA VAL B 235 -18.37 -4.09 -8.35
C VAL B 235 -18.05 -4.58 -9.73
N LEU B 236 -18.96 -5.39 -10.24
CA LEU B 236 -18.84 -5.97 -11.57
C LEU B 236 -20.08 -5.47 -12.29
N VAL B 237 -19.88 -4.80 -13.43
CA VAL B 237 -21.00 -4.32 -14.21
C VAL B 237 -20.87 -5.01 -15.53
N ASP B 238 -21.89 -5.77 -15.88
CA ASP B 238 -21.93 -6.48 -17.17
C ASP B 238 -23.39 -6.66 -17.56
N GLU B 239 -23.61 -7.08 -18.80
CA GLU B 239 -24.98 -7.27 -19.23
C GLU B 239 -25.56 -8.51 -18.59
N GLU B 240 -24.87 -9.64 -18.71
CA GLU B 240 -25.35 -10.90 -18.09
C GLU B 240 -24.62 -11.29 -16.79
N LEU B 241 -25.34 -11.31 -15.67
CA LEU B 241 -24.73 -11.68 -14.40
C LEU B 241 -25.56 -12.60 -13.51
N SER B 242 -24.87 -13.56 -12.91
CA SER B 242 -25.54 -14.44 -11.99
C SER B 242 -24.75 -14.39 -10.71
N VAL B 243 -25.26 -15.10 -9.73
CA VAL B 243 -24.64 -15.18 -8.43
C VAL B 243 -23.29 -15.94 -8.51
N ASP B 244 -23.11 -16.67 -9.60
CA ASP B 244 -21.90 -17.42 -9.91
C ASP B 244 -20.74 -16.49 -10.21
N ASP B 245 -21.01 -15.20 -10.25
CA ASP B 245 -19.97 -14.24 -10.57
C ASP B 245 -19.40 -13.74 -9.32
N GLY B 246 -20.23 -13.69 -8.29
CA GLY B 246 -19.77 -13.29 -6.98
C GLY B 246 -18.97 -14.47 -6.44
N LYS B 247 -19.43 -15.68 -6.71
CA LYS B 247 -18.71 -16.84 -6.22
C LYS B 247 -17.39 -16.92 -6.92
N ALA B 248 -17.39 -16.72 -8.22
CA ALA B 248 -16.13 -16.81 -8.93
C ALA B 248 -15.11 -15.76 -8.45
N VAL B 249 -15.60 -14.57 -8.14
CA VAL B 249 -14.80 -13.46 -7.66
C VAL B 249 -14.44 -13.66 -6.21
N ALA B 250 -15.35 -14.15 -5.39
CA ALA B 250 -14.98 -14.38 -3.99
C ALA B 250 -13.79 -15.34 -3.93
N GLU B 251 -13.80 -16.43 -4.71
CA GLU B 251 -12.68 -17.39 -4.71
C GLU B 251 -11.36 -16.85 -5.29
N ALA B 252 -11.40 -16.22 -6.46
CA ALA B 252 -10.19 -15.68 -7.06
C ALA B 252 -9.50 -14.65 -6.16
N LEU B 253 -10.26 -14.13 -5.21
CA LEU B 253 -9.68 -13.17 -4.29
C LEU B 253 -9.11 -13.88 -3.06
N LEU B 254 -9.97 -14.56 -2.29
CA LEU B 254 -9.53 -15.24 -1.09
C LEU B 254 -8.39 -16.25 -1.31
N ARG B 255 -8.45 -17.01 -2.38
CA ARG B 255 -7.40 -17.96 -2.71
C ARG B 255 -6.05 -17.28 -2.76
N GLN B 256 -6.01 -15.97 -2.77
CA GLN B 256 -4.72 -15.33 -2.81
C GLN B 256 -4.25 -15.08 -1.38
N PHE B 257 -5.18 -15.10 -0.44
CA PHE B 257 -4.86 -14.89 0.95
C PHE B 257 -4.74 -16.22 1.67
N GLY B 258 -4.55 -17.28 0.91
CA GLY B 258 -4.41 -18.60 1.51
C GLY B 258 -5.60 -19.51 1.73
N PHE B 259 -6.84 -19.05 1.59
CA PHE B 259 -8.01 -19.92 1.77
C PHE B 259 -8.04 -20.99 0.66
N GLU B 260 -8.47 -22.19 1.03
CA GLU B 260 -8.49 -23.30 0.07
C GLU B 260 -9.88 -23.82 -0.37
N ASN B 261 -10.92 -23.52 0.41
CA ASN B 261 -12.23 -24.04 0.07
C ASN B 261 -13.32 -23.03 0.43
N PHE B 262 -14.46 -23.07 -0.25
CA PHE B 262 -15.54 -22.12 0.00
C PHE B 262 -16.98 -22.64 -0.01
N ARG B 263 -17.82 -22.07 0.83
CA ARG B 263 -19.21 -22.46 0.85
C ARG B 263 -19.98 -21.14 0.83
N PHE B 264 -21.10 -21.12 0.10
CA PHE B 264 -21.93 -19.93 0.05
C PHE B 264 -23.38 -20.19 0.48
N ARG B 265 -23.81 -19.50 1.51
CA ARG B 265 -25.16 -19.63 2.00
C ARG B 265 -25.90 -18.29 1.74
N LYS B 266 -27.23 -18.36 1.55
CA LYS B 266 -28.04 -17.17 1.31
C LYS B 266 -28.27 -16.37 2.61
N ASP B 267 -28.04 -15.07 2.53
CA ASP B 267 -28.17 -14.23 3.71
C ASP B 267 -29.61 -13.90 4.05
N GLU B 268 -30.03 -14.38 5.21
CA GLU B 268 -31.37 -14.18 5.73
C GLU B 268 -31.76 -12.72 5.82
N LYS B 269 -30.79 -11.83 5.77
CA LYS B 269 -31.11 -10.41 5.88
C LYS B 269 -31.92 -9.94 4.65
N ARG B 270 -31.69 -10.59 3.51
CA ARG B 270 -32.37 -10.25 2.24
C ARG B 270 -32.60 -8.76 2.20
N SER B 271 -31.54 -8.01 1.91
CA SER B 271 -31.62 -6.55 1.90
C SER B 271 -32.20 -5.99 0.62
N LYS B 272 -32.98 -4.94 0.83
CA LYS B 272 -33.71 -4.26 -0.23
C LYS B 272 -32.91 -3.79 -1.44
N TYR B 273 -31.61 -3.53 -1.26
CA TYR B 273 -30.80 -3.08 -2.38
C TYR B 273 -30.24 -4.18 -3.24
N TYR B 274 -30.51 -5.42 -2.86
CA TYR B 274 -30.04 -6.56 -3.63
C TYR B 274 -31.22 -7.32 -4.21
N ILE B 275 -31.16 -7.68 -5.48
CA ILE B 275 -32.18 -8.50 -6.13
C ILE B 275 -32.49 -9.64 -5.15
N PRO B 276 -33.77 -9.84 -4.77
CA PRO B 276 -33.96 -10.93 -3.82
C PRO B 276 -33.35 -12.27 -4.22
N ASP B 277 -32.76 -12.91 -3.22
CA ASP B 277 -32.12 -14.21 -3.35
C ASP B 277 -30.69 -14.22 -3.90
N THR B 278 -30.13 -13.03 -4.09
CA THR B 278 -28.77 -12.95 -4.60
C THR B 278 -27.83 -12.67 -3.45
N GLN B 279 -28.35 -12.05 -2.38
CA GLN B 279 -27.46 -11.74 -1.27
C GLN B 279 -26.93 -13.00 -0.59
N THR B 280 -25.74 -13.39 -1.02
CA THR B 280 -25.05 -14.58 -0.52
C THR B 280 -24.01 -14.21 0.56
N GLU B 281 -23.83 -15.07 1.59
CA GLU B 281 -22.79 -14.84 2.65
C GLU B 281 -21.65 -15.76 2.29
N VAL B 282 -20.39 -15.32 2.32
CA VAL B 282 -19.35 -16.27 1.94
C VAL B 282 -18.43 -16.81 3.07
N PHE B 283 -18.36 -18.14 3.16
CA PHE B 283 -17.57 -18.88 4.15
C PHE B 283 -16.35 -19.52 3.49
N ALA B 284 -15.20 -19.25 4.10
CA ALA B 284 -13.95 -19.77 3.60
C ALA B 284 -13.21 -20.55 4.65
N PHE B 285 -12.49 -21.51 4.13
CA PHE B 285 -11.71 -22.40 4.91
C PHE B 285 -10.28 -21.98 4.84
N HIS B 286 -9.72 -21.67 6.01
CA HIS B 286 -8.31 -21.32 6.09
C HIS B 286 -7.49 -22.20 7.06
N PRO B 287 -6.42 -22.79 6.55
CA PRO B 287 -5.50 -23.66 7.30
C PRO B 287 -5.08 -23.03 8.63
N LYS B 288 -4.43 -21.88 8.58
CA LYS B 288 -3.97 -21.19 9.80
C LYS B 288 -4.99 -21.33 10.93
N LEU B 289 -6.26 -21.34 10.59
CA LEU B 289 -7.29 -21.39 11.60
C LEU B 289 -7.59 -22.74 12.22
N VAL B 290 -7.31 -23.83 11.49
CA VAL B 290 -7.58 -25.21 11.95
C VAL B 290 -6.95 -25.50 13.29
N GLY B 291 -7.77 -25.99 14.21
CA GLY B 291 -7.27 -26.27 15.53
C GLY B 291 -6.75 -24.96 16.06
N SER B 292 -7.67 -24.07 16.39
CA SER B 292 -7.34 -22.74 16.93
C SER B 292 -8.17 -22.46 18.17
N SER B 293 -7.55 -21.76 19.13
CA SER B 293 -8.20 -21.42 20.40
C SER B 293 -9.51 -20.67 20.20
N THR B 294 -9.90 -20.50 18.94
CA THR B 294 -11.13 -19.80 18.59
C THR B 294 -12.25 -20.81 18.29
N LYS B 295 -13.30 -20.33 17.64
CA LYS B 295 -14.42 -21.20 17.30
C LYS B 295 -14.16 -21.68 15.88
N TYR B 296 -13.32 -20.92 15.17
CA TYR B 296 -12.92 -21.24 13.80
C TYR B 296 -11.96 -22.39 13.95
N SER B 297 -12.31 -23.31 14.84
CA SER B 297 -11.48 -24.46 15.15
C SER B 297 -11.30 -25.33 13.91
N ASP B 298 -12.39 -25.53 13.19
CA ASP B 298 -12.40 -26.33 11.97
C ASP B 298 -11.80 -25.65 10.74
N GLY B 299 -11.39 -24.39 10.87
CA GLY B 299 -10.81 -23.66 9.76
C GLY B 299 -11.77 -22.84 8.90
N TRP B 300 -13.06 -22.85 9.22
CA TRP B 300 -14.05 -22.13 8.45
C TRP B 300 -14.45 -20.86 9.14
N ILE B 301 -14.58 -19.78 8.35
CA ILE B 301 -15.00 -18.51 8.90
C ILE B 301 -15.76 -17.73 7.85
N GLU B 302 -16.73 -16.91 8.26
CA GLU B 302 -17.49 -16.10 7.29
C GLU B 302 -16.62 -14.93 6.99
N ILE B 303 -16.20 -14.79 5.74
CA ILE B 303 -15.24 -13.76 5.39
C ILE B 303 -15.65 -12.68 4.41
N ALA B 304 -16.84 -12.79 3.84
CA ALA B 304 -17.28 -11.80 2.88
C ALA B 304 -18.77 -11.99 2.54
N THR B 305 -19.31 -11.07 1.76
CA THR B 305 -20.71 -11.17 1.33
C THR B 305 -20.81 -10.53 -0.03
N PHE B 306 -21.94 -10.75 -0.67
CA PHE B 306 -22.12 -10.20 -1.98
C PHE B 306 -23.57 -10.28 -2.45
N GLY B 307 -23.84 -9.68 -3.60
CA GLY B 307 -25.16 -9.72 -4.17
C GLY B 307 -25.20 -9.04 -5.50
N ILE B 308 -26.39 -8.93 -6.06
CA ILE B 308 -26.54 -8.26 -7.33
C ILE B 308 -27.51 -7.15 -7.01
N TYR B 309 -27.03 -5.93 -7.14
CA TYR B 309 -27.83 -4.74 -6.85
C TYR B 309 -29.23 -4.79 -7.46
N SER B 310 -30.23 -4.33 -6.73
CA SER B 310 -31.60 -4.33 -7.25
C SER B 310 -31.78 -3.32 -8.42
N PRO B 311 -32.61 -3.67 -9.42
CA PRO B 311 -32.83 -2.76 -10.55
C PRO B 311 -33.57 -1.53 -10.05
N THR B 312 -34.31 -1.71 -8.94
CA THR B 312 -35.04 -0.63 -8.31
C THR B 312 -34.05 0.45 -7.90
N ALA B 313 -32.96 0.03 -7.26
CA ALA B 313 -31.90 0.92 -6.81
C ALA B 313 -31.09 1.51 -7.98
N LEU B 314 -30.71 0.66 -8.90
CA LEU B 314 -29.95 1.09 -10.07
C LEU B 314 -30.66 2.19 -10.84
N ALA B 315 -31.99 2.11 -10.86
CA ALA B 315 -32.85 3.07 -11.55
C ALA B 315 -32.71 4.45 -10.90
N GLU B 316 -32.91 4.49 -9.59
CA GLU B 316 -32.74 5.74 -8.87
C GLU B 316 -31.44 6.49 -9.26
N TYR B 317 -30.55 5.86 -10.03
CA TYR B 317 -29.27 6.48 -10.41
C TYR B 317 -29.10 6.31 -11.89
N ASP B 318 -30.14 5.75 -12.48
CA ASP B 318 -30.20 5.53 -13.90
C ASP B 318 -29.14 4.56 -14.38
N ILE B 319 -29.00 3.43 -13.71
CA ILE B 319 -28.03 2.44 -14.14
C ILE B 319 -28.86 1.34 -14.77
N PRO B 320 -28.73 1.16 -16.08
CA PRO B 320 -29.42 0.19 -16.95
C PRO B 320 -28.97 -1.25 -16.86
N TYR B 321 -27.71 -1.46 -16.46
CA TYR B 321 -27.11 -2.79 -16.38
C TYR B 321 -27.09 -3.50 -15.02
N PRO B 322 -27.00 -4.84 -15.02
CA PRO B 322 -26.98 -5.51 -13.72
C PRO B 322 -25.59 -5.34 -13.05
N VAL B 323 -25.59 -5.23 -11.72
CA VAL B 323 -24.34 -5.02 -10.99
C VAL B 323 -24.10 -5.91 -9.78
N MET B 324 -22.97 -6.59 -9.83
CA MET B 324 -22.59 -7.51 -8.76
C MET B 324 -21.65 -6.74 -7.82
N ASN B 325 -21.97 -6.79 -6.55
CA ASN B 325 -21.22 -6.11 -5.51
C ASN B 325 -20.77 -7.13 -4.48
N LEU B 326 -19.47 -7.21 -4.24
CA LEU B 326 -18.93 -8.13 -3.24
C LEU B 326 -17.93 -7.33 -2.44
N GLY B 327 -18.11 -7.32 -1.13
CA GLY B 327 -17.21 -6.59 -0.27
C GLY B 327 -16.72 -7.47 0.87
N LEU B 328 -15.75 -6.98 1.63
CA LEU B 328 -15.24 -7.76 2.73
C LEU B 328 -14.65 -6.92 3.85
N GLY B 329 -14.67 -7.45 5.08
CA GLY B 329 -14.16 -6.72 6.24
C GLY B 329 -12.68 -6.90 6.37
N VAL B 330 -11.95 -5.82 6.22
CA VAL B 330 -10.53 -5.90 6.27
C VAL B 330 -10.02 -6.29 7.65
N GLU B 331 -10.57 -5.69 8.71
CA GLU B 331 -10.12 -5.99 10.07
C GLU B 331 -10.09 -7.50 10.34
N ARG B 332 -11.17 -8.21 10.03
CA ARG B 332 -11.18 -9.65 10.24
C ARG B 332 -10.11 -10.43 9.44
N LEU B 333 -9.90 -10.09 8.18
CA LEU B 333 -8.89 -10.78 7.37
C LEU B 333 -7.50 -10.51 7.92
N ALA B 334 -7.29 -9.37 8.56
CA ALA B 334 -5.97 -9.06 9.09
C ALA B 334 -5.76 -9.91 10.34
N MET B 335 -6.80 -9.97 11.15
CA MET B 335 -6.71 -10.76 12.36
C MET B 335 -6.31 -12.19 12.06
N ILE B 336 -6.74 -12.69 10.91
CA ILE B 336 -6.46 -14.07 10.49
C ILE B 336 -5.06 -14.17 9.91
N LEU B 337 -4.73 -13.28 8.99
CA LEU B 337 -3.41 -13.31 8.40
C LEU B 337 -2.25 -12.98 9.38
N TYR B 338 -2.54 -12.32 10.49
CA TYR B 338 -1.46 -11.96 11.42
C TYR B 338 -1.66 -12.51 12.83
N GLY B 339 -2.60 -13.44 12.94
CA GLY B 339 -2.85 -14.07 14.21
C GLY B 339 -3.37 -13.31 15.40
N TYR B 340 -4.45 -12.54 15.24
CA TYR B 340 -5.02 -11.82 16.38
C TYR B 340 -6.44 -12.29 16.70
N ASP B 341 -6.88 -12.04 17.92
CA ASP B 341 -8.23 -12.45 18.29
C ASP B 341 -9.06 -11.25 18.71
N ASP B 342 -8.43 -10.17 19.18
CA ASP B 342 -9.22 -9.00 19.57
C ASP B 342 -8.97 -7.84 18.64
N VAL B 343 -9.97 -7.59 17.80
CA VAL B 343 -9.90 -6.53 16.82
C VAL B 343 -9.25 -5.25 17.37
N ARG B 344 -9.66 -4.81 18.57
CA ARG B 344 -9.12 -3.59 19.16
C ARG B 344 -7.65 -3.67 19.53
N LYS B 345 -7.20 -4.85 19.96
CA LYS B 345 -5.79 -5.05 20.34
C LYS B 345 -4.94 -5.09 19.08
N MET B 346 -5.58 -5.48 17.97
CA MET B 346 -4.89 -5.55 16.70
C MET B 346 -4.70 -4.20 16.02
N VAL B 347 -5.73 -3.36 16.05
CA VAL B 347 -5.53 -2.10 15.40
C VAL B 347 -5.00 -1.05 16.35
N TYR B 348 -5.33 -1.13 17.64
CA TYR B 348 -4.86 -0.12 18.60
C TYR B 348 -4.01 -0.68 19.75
N PRO B 349 -3.00 -1.48 19.40
CA PRO B 349 -2.11 -2.10 20.37
C PRO B 349 -1.59 -1.17 21.46
N GLN B 350 -1.01 -0.01 21.07
CA GLN B 350 -0.48 0.95 22.05
C GLN B 350 -1.53 1.31 23.10
N ILE B 351 -2.64 1.86 22.63
CA ILE B 351 -3.73 2.23 23.50
C ILE B 351 -4.19 1.10 24.40
N HIS B 352 -4.06 -0.15 23.97
CA HIS B 352 -4.46 -1.25 24.83
C HIS B 352 -3.31 -1.93 25.58
N GLY B 353 -2.29 -1.14 25.88
CA GLY B 353 -1.13 -1.63 26.61
C GLY B 353 -0.50 -2.89 26.05
N GLU B 354 -0.73 -3.13 24.77
CA GLU B 354 -0.15 -4.30 24.14
C GLU B 354 1.22 -3.98 23.53
N ILE B 355 2.17 -3.50 24.32
CA ILE B 355 3.49 -3.20 23.78
C ILE B 355 4.36 -4.32 24.22
N LYS B 356 5.55 -4.45 23.63
CA LYS B 356 6.42 -5.55 23.99
C LYS B 356 7.84 -5.49 23.47
N LEU B 357 8.82 -5.73 24.33
CA LEU B 357 10.21 -5.77 23.90
C LEU B 357 10.61 -7.24 23.88
N SER B 358 11.68 -7.58 23.18
CA SER B 358 12.12 -8.96 23.18
C SER B 358 13.29 -8.97 24.13
N ASP B 359 13.69 -10.15 24.57
CA ASP B 359 14.82 -10.26 25.48
C ASP B 359 16.00 -9.60 24.78
N LEU B 360 16.11 -9.86 23.48
CA LEU B 360 17.18 -9.28 22.69
C LEU B 360 17.16 -7.76 22.89
N ASP B 361 16.00 -7.15 22.70
CA ASP B 361 15.81 -5.70 22.88
C ASP B 361 16.19 -5.15 24.26
N ILE B 362 15.79 -5.87 25.30
CA ILE B 362 16.09 -5.48 26.68
C ILE B 362 17.59 -5.65 26.93
N ALA B 363 18.18 -6.72 26.41
CA ALA B 363 19.62 -6.95 26.60
C ALA B 363 20.43 -5.84 26.00
N ARG B 364 19.98 -5.32 24.87
CA ARG B 364 20.67 -4.21 24.21
C ARG B 364 20.62 -2.95 25.04
N GLU B 365 19.64 -2.90 25.93
CA GLU B 365 19.39 -1.72 26.74
C GLU B 365 20.13 -1.60 28.04
N ILE B 366 20.80 -2.69 28.40
CA ILE B 366 21.61 -2.79 29.61
C ILE B 366 22.99 -2.28 29.28
N LYS B 367 23.28 -1.10 29.79
CA LYS B 367 24.51 -0.40 29.51
C LYS B 367 25.45 -0.32 30.72
N VAL B 368 26.74 -0.15 30.45
CA VAL B 368 27.74 0.01 31.50
C VAL B 368 27.80 1.53 31.77
N LYS B 369 27.61 1.90 33.05
CA LYS B 369 27.56 3.29 33.47
C LYS B 369 28.87 4.07 33.45
N GLU B 370 29.81 3.68 34.31
CA GLU B 370 31.11 4.31 34.37
C GLU B 370 32.06 3.57 33.44
N VAL B 371 32.64 4.28 32.48
CA VAL B 371 33.54 3.64 31.54
C VAL B 371 34.85 4.39 31.30
N PRO B 372 35.98 3.68 31.45
CA PRO B 372 37.29 4.28 31.22
C PRO B 372 37.29 5.16 29.97
N GLN B 373 37.80 6.37 30.09
CA GLN B 373 37.88 7.30 28.97
C GLN B 373 39.24 7.27 28.25
N THR B 374 40.20 6.48 28.77
CA THR B 374 41.54 6.37 28.19
C THR B 374 41.85 4.97 27.68
N ALA B 375 42.56 4.89 26.55
CA ALA B 375 42.95 3.59 25.98
C ALA B 375 43.72 2.83 27.07
N VAL B 376 44.42 3.60 27.89
CA VAL B 376 45.21 3.05 28.98
C VAL B 376 44.26 2.42 30.00
N GLY B 377 43.24 3.19 30.37
CA GLY B 377 42.22 2.75 31.33
C GLY B 377 41.44 1.50 30.89
N LEU B 378 41.12 1.42 29.60
CA LEU B 378 40.44 0.23 29.12
C LEU B 378 41.33 -0.96 29.46
N LYS B 379 42.64 -0.82 29.20
CA LYS B 379 43.60 -1.88 29.49
C LYS B 379 43.53 -2.23 30.97
N ILE B 380 43.69 -1.21 31.81
CA ILE B 380 43.63 -1.39 33.26
C ILE B 380 42.44 -2.26 33.67
N ALA B 381 41.27 -1.95 33.12
CA ALA B 381 40.05 -2.68 33.43
C ALA B 381 40.18 -4.14 33.00
N GLN B 382 40.72 -4.32 31.81
CA GLN B 382 40.95 -5.62 31.20
C GLN B 382 41.76 -6.49 32.14
N SER B 383 42.80 -5.85 32.71
CA SER B 383 43.77 -6.46 33.63
C SER B 383 43.22 -6.90 34.98
N ILE B 384 42.30 -6.10 35.50
CA ILE B 384 41.66 -6.39 36.77
C ILE B 384 40.79 -7.65 36.67
N VAL B 385 40.19 -7.84 35.49
CA VAL B 385 39.34 -9.00 35.20
C VAL B 385 40.28 -10.12 34.89
N GLU B 386 41.31 -9.77 34.13
CA GLU B 386 42.36 -10.69 33.74
C GLU B 386 42.89 -11.43 35.00
N THR B 387 43.47 -10.65 35.92
CA THR B 387 44.05 -11.19 37.15
C THR B 387 43.04 -11.54 38.24
N ALA B 388 41.77 -11.26 38.03
CA ALA B 388 40.77 -11.62 39.02
C ALA B 388 40.30 -13.02 38.70
N GLU B 389 40.32 -13.35 37.42
CA GLU B 389 39.87 -14.66 36.98
C GLU B 389 40.86 -15.71 37.42
N LYS B 390 42.15 -15.42 37.22
CA LYS B 390 43.22 -16.35 37.61
C LYS B 390 43.20 -16.64 39.11
N HIS B 391 43.57 -15.63 39.88
CA HIS B 391 43.65 -15.71 41.33
C HIS B 391 42.31 -15.41 42.01
N ALA B 392 41.28 -16.18 41.70
CA ALA B 392 39.99 -15.93 42.31
C ALA B 392 39.78 -16.88 43.48
N SER B 393 40.81 -17.66 43.78
CA SER B 393 40.72 -18.63 44.87
C SER B 393 41.83 -18.53 45.92
N GLU B 394 42.76 -17.60 45.72
CA GLU B 394 43.87 -17.36 46.65
C GLU B 394 43.32 -16.97 48.02
N PRO B 395 43.45 -17.86 49.03
CA PRO B 395 42.88 -17.40 50.32
C PRO B 395 43.44 -16.07 50.81
N SER B 396 42.55 -15.29 51.39
CA SER B 396 42.87 -13.98 51.92
C SER B 396 43.68 -14.04 53.23
N PRO B 397 44.52 -13.03 53.46
CA PRO B 397 44.69 -11.90 52.52
C PRO B 397 45.79 -12.05 51.47
N CYS B 398 45.58 -11.48 50.29
CA CYS B 398 46.57 -11.54 49.22
C CYS B 398 46.59 -10.26 48.39
N SER B 399 47.34 -10.28 47.29
CA SER B 399 47.46 -9.12 46.42
C SER B 399 48.27 -9.44 45.17
N PHE B 400 47.86 -8.88 44.05
CA PHE B 400 48.58 -9.11 42.80
C PHE B 400 48.54 -7.83 42.00
N LEU B 401 49.63 -7.58 41.27
CA LEU B 401 49.73 -6.41 40.43
C LEU B 401 48.99 -6.79 39.15
N ALA B 402 47.92 -6.07 38.87
CA ALA B 402 47.12 -6.32 37.67
C ALA B 402 47.72 -5.54 36.52
N PHE B 403 47.99 -4.26 36.76
CA PHE B 403 48.59 -3.45 35.71
C PHE B 403 49.52 -2.40 36.26
N GLU B 404 50.61 -2.19 35.52
CA GLU B 404 51.61 -1.20 35.85
C GLU B 404 52.06 -0.66 34.50
N GLY B 405 52.06 0.66 34.38
CA GLY B 405 52.44 1.32 33.13
C GLY B 405 52.03 2.75 33.41
N GLU B 406 52.20 3.67 32.47
CA GLU B 406 51.80 5.04 32.78
C GLU B 406 50.58 5.56 32.04
N MET B 407 49.80 6.39 32.74
CA MET B 407 48.61 7.00 32.17
C MET B 407 48.51 8.43 32.63
N MET B 408 48.40 9.34 31.64
CA MET B 408 48.29 10.77 31.90
C MET B 408 49.55 11.39 32.50
N GLY B 409 50.69 11.13 31.86
CA GLY B 409 51.96 11.68 32.33
C GLY B 409 52.44 11.21 33.69
N ARG B 410 52.26 9.92 34.01
CA ARG B 410 52.68 9.40 35.31
C ARG B 410 52.53 7.89 35.41
N ASN B 411 53.42 7.25 36.15
CA ASN B 411 53.39 5.81 36.34
C ASN B 411 52.28 5.41 37.30
N VAL B 412 51.69 4.24 37.07
CA VAL B 412 50.60 3.74 37.89
C VAL B 412 50.66 2.21 38.15
N ARG B 413 50.33 1.82 39.37
CA ARG B 413 50.31 0.41 39.78
C ARG B 413 48.91 0.13 40.29
N VAL B 414 48.23 -0.85 39.67
CA VAL B 414 46.87 -1.23 40.10
C VAL B 414 46.93 -2.67 40.59
N TYR B 415 46.33 -2.92 41.75
CA TYR B 415 46.35 -4.25 42.36
C TYR B 415 44.96 -4.77 42.66
N VAL B 416 44.81 -6.10 42.59
CA VAL B 416 43.56 -6.77 42.94
C VAL B 416 43.84 -7.31 44.34
N VAL B 417 42.88 -7.22 45.24
CA VAL B 417 43.12 -7.65 46.61
C VAL B 417 41.92 -8.19 47.38
N GLU B 418 42.22 -8.57 48.62
CA GLU B 418 41.25 -9.05 49.59
C GLU B 418 41.93 -8.74 50.91
N GLU B 419 41.35 -7.84 51.70
CA GLU B 419 41.91 -7.43 52.99
C GLU B 419 41.47 -8.43 54.08
N GLU B 420 40.17 -8.67 54.16
CA GLU B 420 39.60 -9.62 55.13
C GLU B 420 40.36 -10.93 54.99
N GLU B 421 40.19 -11.85 55.93
CA GLU B 421 40.89 -13.13 55.87
C GLU B 421 39.90 -14.26 56.03
N ASN B 422 40.36 -15.46 55.70
CA ASN B 422 39.55 -16.67 55.80
C ASN B 422 38.52 -16.75 54.67
N THR B 423 38.96 -16.40 53.48
CA THR B 423 38.11 -16.44 52.28
C THR B 423 39.06 -16.32 51.11
N LYS B 424 38.55 -15.87 49.96
CA LYS B 424 39.38 -15.71 48.77
C LYS B 424 39.23 -14.34 48.10
N LEU B 425 40.21 -14.01 47.26
CA LEU B 425 40.28 -12.76 46.51
C LEU B 425 38.93 -12.18 46.03
N CYS B 426 38.24 -12.98 45.22
CA CYS B 426 36.96 -12.62 44.65
C CYS B 426 35.81 -13.38 45.34
N GLY B 427 34.67 -12.69 45.48
CA GLY B 427 33.51 -13.30 46.10
C GLY B 427 33.03 -14.43 45.21
N PRO B 428 32.11 -15.27 45.68
CA PRO B 428 31.57 -16.40 44.92
C PRO B 428 30.51 -16.05 43.86
N ALA B 429 30.51 -14.81 43.38
CA ALA B 429 29.55 -14.41 42.37
C ALA B 429 30.19 -13.45 41.40
N TYR B 430 31.46 -13.17 41.62
CA TYR B 430 32.17 -12.25 40.75
C TYR B 430 32.04 -12.56 39.26
N ALA B 431 31.75 -13.83 38.95
CA ALA B 431 31.67 -14.25 37.56
C ALA B 431 30.27 -14.40 37.03
N ASN B 432 29.29 -14.06 37.85
CA ASN B 432 27.88 -14.11 37.44
C ASN B 432 27.72 -13.27 36.19
N GLU B 433 26.87 -13.73 35.27
CA GLU B 433 26.61 -12.98 34.05
C GLU B 433 25.15 -12.52 34.01
N VAL B 434 24.95 -11.29 33.55
CA VAL B 434 23.61 -10.70 33.43
C VAL B 434 22.94 -11.24 32.17
N VAL B 435 21.83 -11.95 32.29
CA VAL B 435 21.16 -12.43 31.08
C VAL B 435 19.65 -12.18 31.13
N VAL B 436 19.07 -11.74 29.99
CA VAL B 436 17.63 -11.50 29.89
C VAL B 436 16.93 -12.81 29.51
N TYR B 437 15.79 -13.07 30.11
CA TYR B 437 15.09 -14.30 29.82
C TYR B 437 13.60 -14.19 30.14
N LYS B 438 12.78 -14.44 29.14
CA LYS B 438 11.34 -14.37 29.31
C LYS B 438 10.96 -13.09 30.05
N GLY B 439 11.64 -12.00 29.69
CA GLY B 439 11.32 -10.72 30.26
C GLY B 439 11.94 -10.18 31.50
N ASP B 440 12.64 -11.01 32.26
CA ASP B 440 13.28 -10.53 33.49
C ASP B 440 14.76 -10.48 33.21
N ILE B 441 15.46 -9.66 33.98
CA ILE B 441 16.90 -9.55 33.86
C ILE B 441 17.46 -10.31 35.07
N TYR B 442 18.23 -11.38 34.85
CA TYR B 442 18.83 -12.13 35.96
C TYR B 442 20.34 -11.96 36.04
N GLY B 443 20.82 -11.93 37.27
CA GLY B 443 22.25 -11.87 37.55
C GLY B 443 22.55 -13.30 38.03
N ILE B 444 23.00 -14.14 37.11
CA ILE B 444 23.26 -15.54 37.43
C ILE B 444 24.61 -16.04 36.93
N PRO B 445 25.03 -17.22 37.43
CA PRO B 445 26.27 -17.93 37.11
C PRO B 445 25.99 -19.09 36.11
N LYS B 446 26.90 -19.33 35.17
CA LYS B 446 26.67 -20.42 34.22
C LYS B 446 26.67 -21.78 34.92
N THR B 447 25.54 -22.12 35.52
CA THR B 447 25.37 -23.37 36.24
C THR B 447 24.48 -24.26 35.43
N LYS B 448 24.60 -25.58 35.62
CA LYS B 448 23.76 -26.53 34.90
C LYS B 448 22.34 -26.37 35.43
N LYS B 449 22.17 -25.33 36.25
CA LYS B 449 20.88 -24.98 36.86
C LYS B 449 20.21 -23.83 36.09
N TRP B 450 21.02 -23.10 35.32
CA TRP B 450 20.52 -21.98 34.54
C TRP B 450 20.73 -22.25 33.06
N ARG B 451 20.88 -23.50 32.68
CA ARG B 451 21.10 -23.82 31.28
C ARG B 451 20.07 -23.14 30.39
N SER B 452 18.79 -23.30 30.72
CA SER B 452 17.73 -22.71 29.91
C SER B 452 17.87 -21.19 29.76
N PHE B 453 18.18 -20.52 30.86
CA PHE B 453 18.34 -19.08 30.78
C PHE B 453 19.42 -18.70 29.78
N PHE B 454 20.53 -19.42 29.79
CA PHE B 454 21.59 -19.09 28.86
C PHE B 454 21.30 -19.58 27.45
N GLU B 455 20.59 -20.70 27.32
CA GLU B 455 20.31 -21.25 25.99
C GLU B 455 19.07 -20.71 25.34
N GLU B 456 18.27 -19.98 26.11
CA GLU B 456 17.03 -19.42 25.59
C GLU B 456 16.92 -17.93 25.76
N GLY B 457 17.37 -17.39 26.88
CA GLY B 457 17.32 -15.95 27.03
C GLY B 457 18.45 -15.40 26.19
N VAL B 458 18.83 -14.14 26.40
CA VAL B 458 19.98 -13.63 25.67
C VAL B 458 20.92 -13.00 26.71
N PRO B 459 22.13 -13.55 26.76
CA PRO B 459 23.22 -13.18 27.65
C PRO B 459 23.79 -11.85 27.25
N THR B 460 23.91 -10.97 28.23
CA THR B 460 24.43 -9.65 27.95
C THR B 460 25.94 -9.66 27.68
N GLY B 461 26.62 -10.69 28.19
CA GLY B 461 28.05 -10.79 28.01
C GLY B 461 28.78 -9.91 29.02
N ILE B 462 28.11 -9.60 30.12
CA ILE B 462 28.71 -8.81 31.17
C ILE B 462 28.50 -9.59 32.44
N ARG B 463 29.55 -9.66 33.23
CA ARG B 463 29.51 -10.36 34.49
C ARG B 463 29.85 -9.31 35.52
N TYR B 464 29.56 -9.62 36.79
CA TYR B 464 29.83 -8.67 37.87
C TYR B 464 31.24 -8.07 37.79
N ILE B 465 32.28 -8.90 37.72
CA ILE B 465 33.65 -8.35 37.63
C ILE B 465 33.86 -7.42 36.46
N ASP B 466 33.18 -7.70 35.34
CA ASP B 466 33.31 -6.87 34.15
C ASP B 466 32.78 -5.47 34.44
N GLY B 467 31.56 -5.42 34.96
CA GLY B 467 30.97 -4.12 35.26
C GLY B 467 31.78 -3.36 36.27
N PHE B 468 32.22 -4.09 37.29
CA PHE B 468 33.04 -3.51 38.36
C PHE B 468 34.38 -3.02 37.77
N ALA B 469 35.12 -3.95 37.18
CA ALA B 469 36.41 -3.65 36.56
C ALA B 469 36.43 -2.34 35.77
N TYR B 470 35.31 -2.00 35.14
CA TYR B 470 35.26 -0.76 34.36
C TYR B 470 35.07 0.41 35.31
N TYR B 471 34.32 0.16 36.40
CA TYR B 471 34.07 1.17 37.42
C TYR B 471 35.44 1.58 37.91
N ALA B 472 36.10 0.60 38.50
CA ALA B 472 37.45 0.72 39.05
C ALA B 472 38.38 1.54 38.17
N ALA B 473 38.63 1.04 36.96
CA ALA B 473 39.51 1.73 36.04
C ALA B 473 39.14 3.21 35.81
N ARG B 474 37.84 3.51 35.90
CA ARG B 474 37.38 4.88 35.70
C ARG B 474 37.81 5.68 36.93
N LYS B 475 37.67 5.06 38.11
CA LYS B 475 38.05 5.69 39.37
C LYS B 475 39.54 6.04 39.37
N VAL B 476 40.40 5.03 39.18
CA VAL B 476 41.85 5.24 39.15
C VAL B 476 42.22 6.27 38.07
N GLU B 477 41.38 6.39 37.05
CA GLU B 477 41.61 7.36 35.99
C GLU B 477 41.34 8.76 36.51
N GLU B 478 40.26 8.91 37.27
CA GLU B 478 39.88 10.18 37.87
C GLU B 478 40.94 10.60 38.89
N ALA B 479 41.44 9.62 39.64
CA ALA B 479 42.48 9.86 40.64
C ALA B 479 43.67 10.56 39.95
N ALA B 480 44.27 9.88 38.98
CA ALA B 480 45.41 10.41 38.22
C ALA B 480 45.12 11.73 37.47
N MET B 481 44.03 12.38 37.85
CA MET B 481 43.66 13.65 37.27
C MET B 481 43.64 14.63 38.43
N ARG B 482 43.11 14.17 39.57
CA ARG B 482 43.04 14.97 40.78
C ARG B 482 44.39 14.89 41.50
N GLU B 483 45.40 14.54 40.72
CA GLU B 483 46.78 14.41 41.16
C GLU B 483 46.99 13.41 42.30
N GLN B 484 45.92 13.07 43.03
CA GLN B 484 45.96 12.12 44.16
C GLN B 484 47.05 11.05 43.99
N GLU B 485 47.47 10.46 45.11
CA GLU B 485 48.51 9.44 45.05
C GLU B 485 47.99 8.03 45.27
N GLU B 486 46.81 7.91 45.85
CA GLU B 486 46.25 6.60 46.11
C GLU B 486 44.71 6.58 46.12
N VAL B 487 44.14 5.49 45.58
CA VAL B 487 42.69 5.27 45.52
C VAL B 487 42.38 3.78 45.60
N LYS B 488 41.43 3.40 46.45
CA LYS B 488 41.09 1.99 46.59
C LYS B 488 39.58 1.81 46.62
N VAL B 489 39.03 1.26 45.55
CA VAL B 489 37.60 1.03 45.45
C VAL B 489 37.29 -0.44 45.74
N LYS B 490 36.17 -0.69 46.41
CA LYS B 490 35.82 -2.07 46.71
C LYS B 490 34.33 -2.36 46.63
N ALA B 491 34.02 -3.56 46.15
CA ALA B 491 32.66 -4.02 45.99
C ALA B 491 32.36 -5.08 47.03
N ARG B 492 31.28 -4.86 47.78
CA ARG B 492 30.85 -5.80 48.82
C ARG B 492 29.77 -6.76 48.31
N ILE B 493 28.51 -6.57 48.74
CA ILE B 493 27.38 -7.38 48.28
C ILE B 493 26.59 -6.61 47.22
N VAL B 494 26.07 -7.34 46.23
CA VAL B 494 25.33 -6.79 45.09
C VAL B 494 23.81 -6.94 45.23
N GLU B 495 23.10 -5.81 45.27
CA GLU B 495 21.64 -5.83 45.40
C GLU B 495 20.94 -5.57 44.05
N ASN B 496 21.59 -4.76 43.23
CA ASN B 496 21.03 -4.39 41.94
C ASN B 496 22.07 -3.99 40.88
N LEU B 497 21.58 -3.80 39.66
CA LEU B 497 22.42 -3.42 38.54
C LEU B 497 23.34 -2.26 38.86
N SER B 498 22.88 -1.34 39.69
CA SER B 498 23.71 -0.19 40.04
C SER B 498 25.02 -0.63 40.66
N ASP B 499 24.92 -1.61 41.56
CA ASP B 499 26.09 -2.15 42.27
C ASP B 499 27.06 -2.90 41.36
N ILE B 500 26.71 -3.03 40.09
CA ILE B 500 27.55 -3.76 39.14
C ILE B 500 27.98 -2.83 38.01
N ASN B 501 27.73 -1.53 38.20
CA ASN B 501 28.07 -0.43 37.28
C ASN B 501 27.25 -0.51 35.99
N LEU B 502 26.09 -1.13 36.11
CA LEU B 502 25.17 -1.35 34.99
C LEU B 502 23.80 -0.66 35.07
N TYR B 503 23.43 0.11 34.03
CA TYR B 503 22.12 0.75 34.07
C TYR B 503 21.21 0.45 32.88
N ILE B 504 19.98 0.97 32.93
CA ILE B 504 19.02 0.84 31.84
C ILE B 504 18.22 2.12 31.85
N HIS B 505 17.93 2.67 30.68
CA HIS B 505 17.18 3.91 30.61
C HIS B 505 15.90 3.85 31.46
N GLU B 506 15.43 5.00 31.91
CA GLU B 506 14.24 5.02 32.73
C GLU B 506 13.00 4.45 32.03
N ASN B 507 12.90 4.64 30.71
CA ASN B 507 11.77 4.07 29.94
C ASN B 507 11.79 2.51 29.96
N VAL B 508 12.96 1.89 29.75
CA VAL B 508 13.05 0.43 29.78
C VAL B 508 12.72 -0.09 31.16
N ARG B 509 13.08 0.68 32.18
CA ARG B 509 12.79 0.26 33.55
C ARG B 509 11.28 0.23 33.79
N ARG B 510 10.58 1.21 33.21
CA ARG B 510 9.12 1.33 33.32
C ARG B 510 8.42 0.25 32.48
N TYR B 511 8.93 -0.01 31.28
CA TYR B 511 8.35 -1.06 30.46
C TYR B 511 8.38 -2.36 31.28
N ILE B 512 9.54 -2.64 31.89
CA ILE B 512 9.72 -3.85 32.69
C ILE B 512 8.73 -3.90 33.85
N LEU B 513 8.59 -2.82 34.59
CA LEU B 513 7.62 -2.83 35.69
C LEU B 513 6.20 -2.94 35.16
N TRP B 514 5.87 -2.08 34.19
CA TRP B 514 4.55 -2.10 33.55
C TRP B 514 4.20 -3.51 33.08
N LYS B 515 5.21 -4.22 32.59
CA LYS B 515 5.01 -5.57 32.11
C LYS B 515 5.07 -6.62 33.21
N LYS B 516 5.25 -6.19 34.45
CA LYS B 516 5.27 -7.13 35.55
C LYS B 516 6.45 -8.09 35.50
N GLY B 517 7.59 -7.61 35.02
CA GLY B 517 8.76 -8.46 34.94
C GLY B 517 9.72 -8.02 36.00
N LYS B 518 10.73 -8.84 36.29
CA LYS B 518 11.68 -8.48 37.32
C LYS B 518 13.15 -8.35 36.97
N ILE B 519 13.83 -7.64 37.85
CA ILE B 519 15.26 -7.43 37.78
C ILE B 519 15.68 -8.17 39.07
N ASP B 520 16.62 -9.09 38.90
CA ASP B 520 17.09 -9.96 39.98
C ASP B 520 18.63 -10.08 39.87
N VAL B 521 19.32 -9.04 40.28
CA VAL B 521 20.78 -9.02 40.23
C VAL B 521 21.31 -8.83 41.64
N ARG B 522 21.66 -9.97 42.25
CA ARG B 522 22.16 -10.02 43.61
C ARG B 522 23.37 -10.90 43.75
N GLY B 523 24.04 -10.78 44.89
CA GLY B 523 25.19 -11.62 45.16
C GLY B 523 26.43 -11.01 45.79
N PRO B 524 27.29 -11.87 46.35
CA PRO B 524 28.56 -11.56 47.02
C PRO B 524 29.69 -11.34 46.02
N LEU B 525 29.87 -10.09 45.62
CA LEU B 525 30.92 -9.79 44.65
C LEU B 525 32.26 -9.71 45.37
N PHE B 526 32.27 -9.01 46.51
CA PHE B 526 33.46 -8.82 47.36
C PHE B 526 34.74 -8.83 46.55
N VAL B 527 34.97 -7.74 45.85
CA VAL B 527 36.15 -7.61 45.03
C VAL B 527 36.76 -6.25 45.31
N THR B 528 38.07 -6.22 45.50
CA THR B 528 38.73 -4.95 45.82
C THR B 528 39.89 -4.63 44.88
N VAL B 529 40.06 -3.33 44.61
CA VAL B 529 41.12 -2.86 43.72
C VAL B 529 41.85 -1.70 44.38
N LYS B 530 43.17 -1.83 44.53
CA LYS B 530 43.98 -0.77 45.14
C LYS B 530 44.88 -0.20 44.07
N ALA B 531 44.92 1.12 43.98
CA ALA B 531 45.77 1.77 43.00
C ALA B 531 46.68 2.78 43.68
N GLU B 532 47.88 2.90 43.14
CA GLU B 532 48.88 3.81 43.66
C GLU B 532 49.53 4.46 42.44
N ILE B 533 49.25 5.75 42.26
CA ILE B 533 49.80 6.50 41.13
C ILE B 533 50.86 7.47 41.63
N GLU B 534 51.67 7.98 40.70
CA GLU B 534 52.74 8.92 41.04
C GLU B 534 52.91 9.99 39.98
N MET C 1 -4.22 -26.39 -32.72
CA MET C 1 -4.71 -27.80 -32.61
C MET C 1 -3.59 -28.75 -32.13
N LYS C 2 -3.96 -29.74 -31.30
CA LYS C 2 -3.01 -30.72 -30.78
C LYS C 2 -2.43 -31.56 -31.94
N PHE C 3 -1.20 -32.05 -31.76
CA PHE C 3 -0.56 -32.86 -32.81
C PHE C 3 0.15 -34.13 -32.28
N ASP C 4 0.82 -34.88 -33.16
CA ASP C 4 1.56 -36.06 -32.71
C ASP C 4 3.07 -35.92 -32.88
N PRO C 5 3.81 -35.95 -31.76
CA PRO C 5 5.27 -35.83 -31.74
C PRO C 5 6.03 -36.84 -32.61
N GLN C 6 5.62 -38.11 -32.60
CA GLN C 6 6.32 -39.09 -33.44
C GLN C 6 6.19 -38.64 -34.88
N LYS C 7 4.95 -38.40 -35.33
CA LYS C 7 4.70 -37.93 -36.70
C LYS C 7 5.77 -36.92 -37.07
N TYR C 8 5.78 -35.79 -36.37
CA TYR C 8 6.77 -34.76 -36.63
C TYR C 8 8.21 -35.19 -36.44
N ARG C 9 8.45 -36.10 -35.49
CA ARG C 9 9.80 -36.57 -35.23
C ARG C 9 10.31 -37.25 -36.49
N GLU C 10 9.65 -38.33 -36.89
CA GLU C 10 10.06 -39.07 -38.08
C GLU C 10 9.83 -38.21 -39.32
N LEU C 11 8.63 -37.64 -39.41
CA LEU C 11 8.25 -36.78 -40.52
C LEU C 11 9.31 -35.74 -40.84
N ALA C 12 10.37 -35.67 -40.02
CA ALA C 12 11.42 -34.69 -40.20
C ALA C 12 12.83 -35.27 -40.08
N GLU C 13 12.90 -36.54 -39.68
CA GLU C 13 14.20 -37.21 -39.58
C GLU C 13 14.47 -37.50 -41.06
N LYS C 14 13.38 -37.44 -41.84
CA LYS C 14 13.40 -37.64 -43.28
C LYS C 14 13.82 -36.32 -43.92
N ASP C 15 12.86 -35.41 -44.10
CA ASP C 15 13.19 -34.09 -44.66
C ASP C 15 12.77 -33.02 -43.63
N PHE C 16 13.76 -32.41 -42.99
CA PHE C 16 13.49 -31.38 -42.00
C PHE C 16 12.69 -30.27 -42.61
N GLU C 17 13.38 -29.48 -43.44
CA GLU C 17 12.78 -28.33 -44.12
C GLU C 17 11.28 -28.37 -44.39
N ALA C 18 10.76 -29.51 -44.81
CA ALA C 18 9.32 -29.63 -45.11
C ALA C 18 8.51 -29.84 -43.83
N ALA C 19 9.10 -30.54 -42.87
CA ALA C 19 8.46 -30.81 -41.57
C ALA C 19 8.23 -29.48 -40.86
N TRP C 20 9.23 -28.62 -41.00
CA TRP C 20 9.21 -27.29 -40.44
C TRP C 20 8.06 -26.50 -41.08
N LYS C 21 8.11 -26.37 -42.41
CA LYS C 21 7.08 -25.62 -43.12
C LYS C 21 5.70 -26.21 -42.87
N ALA C 22 5.70 -27.45 -42.42
CA ALA C 22 4.46 -28.18 -42.15
C ALA C 22 3.78 -27.71 -40.87
N GLY C 23 4.60 -27.31 -39.89
CA GLY C 23 4.07 -26.83 -38.62
C GLY C 23 2.88 -25.91 -38.70
N LYS C 24 2.86 -25.04 -39.71
CA LYS C 24 1.75 -24.11 -39.88
C LYS C 24 0.37 -24.79 -39.85
N GLU C 25 0.33 -26.09 -40.03
CA GLU C 25 -0.95 -26.71 -40.02
C GLU C 25 -1.51 -26.77 -38.60
N ILE C 26 -0.67 -26.50 -37.60
CA ILE C 26 -1.11 -26.57 -36.20
C ILE C 26 -1.64 -25.25 -35.65
N LEU C 27 -1.42 -24.17 -36.41
CA LEU C 27 -1.84 -22.81 -36.06
C LEU C 27 -3.34 -22.60 -36.24
N ALA C 28 -3.98 -21.86 -35.34
CA ALA C 28 -5.42 -21.60 -35.44
C ALA C 28 -5.73 -20.63 -36.57
N GLU C 29 -6.80 -20.90 -37.32
CA GLU C 29 -7.22 -20.05 -38.44
C GLU C 29 -8.25 -19.13 -37.81
N ARG C 30 -7.95 -17.84 -37.74
CA ARG C 30 -8.86 -16.90 -37.08
C ARG C 30 -9.87 -16.16 -37.92
N SER C 31 -11.11 -16.15 -37.43
CA SER C 31 -12.18 -15.44 -38.10
C SER C 31 -12.00 -13.97 -37.72
N PRO C 32 -12.48 -13.03 -38.55
CA PRO C 32 -12.36 -11.59 -38.29
C PRO C 32 -12.39 -11.07 -36.84
N ASN C 33 -13.35 -11.49 -36.01
CA ASN C 33 -13.41 -10.96 -34.65
C ASN C 33 -12.54 -11.63 -33.58
N GLU C 34 -11.63 -12.49 -34.02
CA GLU C 34 -10.73 -13.19 -33.13
C GLU C 34 -9.32 -12.78 -33.53
N LEU C 35 -9.21 -11.63 -34.19
CA LEU C 35 -7.91 -11.14 -34.62
C LEU C 35 -7.52 -9.86 -33.87
N TYR C 36 -6.22 -9.72 -33.66
CA TYR C 36 -5.68 -8.57 -33.00
C TYR C 36 -6.12 -7.38 -33.88
N PRO C 37 -6.52 -6.27 -33.26
CA PRO C 37 -6.64 -5.94 -31.84
C PRO C 37 -8.02 -6.17 -31.28
N ARG C 38 -8.83 -6.96 -31.97
CA ARG C 38 -10.17 -7.20 -31.50
C ARG C 38 -10.11 -8.18 -30.31
N VAL C 39 -8.92 -8.72 -30.08
CA VAL C 39 -8.69 -9.61 -28.95
C VAL C 39 -7.60 -9.04 -28.05
N GLY C 40 -7.72 -9.23 -26.74
CA GLY C 40 -6.71 -8.74 -25.83
C GLY C 40 -6.97 -9.00 -24.37
N PHE C 41 -5.93 -8.93 -23.54
CA PHE C 41 -6.09 -9.14 -22.11
C PHE C 41 -6.21 -7.72 -21.60
N SER C 42 -6.67 -7.58 -20.37
CA SER C 42 -6.79 -6.27 -19.73
C SER C 42 -6.28 -6.45 -18.32
N PHE C 43 -6.40 -5.44 -17.47
CA PHE C 43 -5.89 -5.59 -16.13
C PHE C 43 -6.27 -4.42 -15.28
N GLY C 44 -6.08 -4.54 -13.97
CA GLY C 44 -6.41 -3.46 -13.06
C GLY C 44 -5.35 -2.38 -13.15
N LYS C 45 -5.81 -1.16 -12.99
CA LYS C 45 -4.98 0.02 -13.03
C LYS C 45 -5.26 0.54 -11.62
N GLU C 46 -4.22 1.06 -10.95
CA GLU C 46 -4.44 1.54 -9.60
C GLU C 46 -4.69 3.03 -9.59
N HIS C 47 -5.21 3.54 -8.48
CA HIS C 47 -5.49 4.94 -8.39
C HIS C 47 -4.29 5.74 -7.85
N PRO C 48 -3.94 6.89 -8.46
CA PRO C 48 -2.81 7.73 -8.05
C PRO C 48 -2.72 8.20 -6.61
N LEU C 49 -3.85 8.35 -5.95
CA LEU C 49 -3.89 8.73 -4.54
C LEU C 49 -3.26 7.59 -3.75
N PHE C 50 -3.91 6.43 -3.84
CA PHE C 50 -3.51 5.18 -3.20
C PHE C 50 -2.08 4.72 -3.57
N ALA C 51 -1.66 4.92 -4.81
CA ALA C 51 -0.30 4.57 -5.18
C ALA C 51 0.61 5.48 -4.35
N THR C 52 0.30 6.78 -4.34
CA THR C 52 1.09 7.70 -3.55
C THR C 52 1.07 7.31 -2.06
N ILE C 53 -0.09 7.04 -1.51
CA ILE C 53 -0.08 6.60 -0.13
C ILE C 53 0.94 5.46 0.08
N GLN C 54 0.83 4.41 -0.73
CA GLN C 54 1.71 3.27 -0.64
C GLN C 54 3.18 3.61 -0.76
N ARG C 55 3.48 4.55 -1.63
CA ARG C 55 4.84 5.02 -1.88
C ARG C 55 5.36 5.68 -0.63
N LEU C 56 4.48 6.40 0.07
CA LEU C 56 4.79 7.06 1.34
C LEU C 56 4.96 6.06 2.49
N ARG C 57 4.15 5.01 2.52
CA ARG C 57 4.27 3.99 3.57
C ARG C 57 5.67 3.38 3.48
N GLU C 58 6.11 3.20 2.24
CA GLU C 58 7.41 2.64 2.03
C GLU C 58 8.45 3.69 2.41
N ALA C 59 8.26 4.92 1.95
CA ALA C 59 9.21 5.99 2.25
C ALA C 59 9.43 6.19 3.76
N TYR C 60 8.38 6.04 4.56
CA TYR C 60 8.54 6.22 6.00
C TYR C 60 9.25 5.03 6.62
N LEU C 61 8.95 3.84 6.13
CA LEU C 61 9.56 2.63 6.65
C LEU C 61 11.07 2.61 6.37
N SER C 62 11.45 2.99 5.18
CA SER C 62 12.86 2.99 4.84
C SER C 62 13.64 3.98 5.64
N ILE C 63 12.98 4.85 6.40
CA ILE C 63 13.74 5.77 7.23
C ILE C 63 13.51 5.55 8.72
N GLY C 64 13.00 4.36 9.04
CA GLY C 64 12.87 4.03 10.45
C GLY C 64 11.57 4.03 11.13
N PHE C 65 10.58 4.70 10.57
CA PHE C 65 9.30 4.82 11.21
C PHE C 65 8.39 3.62 11.09
N SER C 66 7.82 3.22 12.21
CA SER C 66 6.89 2.11 12.27
C SER C 66 5.46 2.63 12.17
N GLU C 67 4.63 1.85 11.53
CA GLU C 67 3.25 2.22 11.28
C GLU C 67 2.32 2.10 12.47
N VAL C 68 1.44 3.07 12.60
CA VAL C 68 0.46 3.01 13.67
C VAL C 68 -0.86 3.49 13.11
N VAL C 69 -1.93 3.16 13.81
CA VAL C 69 -3.25 3.63 13.45
C VAL C 69 -3.68 4.49 14.61
N ASN C 70 -3.98 5.75 14.32
CA ASN C 70 -4.42 6.68 15.35
C ASN C 70 -5.93 6.86 15.41
N PRO C 71 -6.44 7.17 16.60
CA PRO C 71 -7.86 7.41 16.82
C PRO C 71 -8.32 8.46 15.80
N LEU C 72 -9.47 8.21 15.15
CA LEU C 72 -10.04 9.12 14.13
C LEU C 72 -11.19 9.94 14.74
N ILE C 73 -12.08 9.23 15.45
CA ILE C 73 -13.22 9.80 16.18
C ILE C 73 -12.73 10.21 17.59
N VAL C 74 -12.88 11.48 17.93
CA VAL C 74 -12.35 11.92 19.21
C VAL C 74 -13.22 12.93 19.95
N GLU C 75 -13.26 12.83 21.29
CA GLU C 75 -14.03 13.77 22.12
C GLU C 75 -13.35 15.10 21.94
N ASP C 76 -14.12 16.16 21.71
CA ASP C 76 -13.54 17.49 21.47
C ASP C 76 -12.72 18.07 22.62
N VAL C 77 -12.80 17.42 23.77
CA VAL C 77 -12.01 17.85 24.91
C VAL C 77 -10.51 17.72 24.61
N HIS C 78 -10.15 16.79 23.72
CA HIS C 78 -8.77 16.57 23.32
C HIS C 78 -8.24 17.76 22.54
N VAL C 79 -9.08 18.33 21.69
CA VAL C 79 -8.65 19.49 20.91
C VAL C 79 -8.44 20.66 21.87
N LYS C 80 -9.26 20.69 22.94
CA LYS C 80 -9.19 21.71 23.99
C LYS C 80 -7.93 21.53 24.83
N LYS C 81 -7.55 20.27 25.13
CA LYS C 81 -6.32 20.01 25.90
C LYS C 81 -5.04 20.36 25.10
N GLN C 82 -5.10 20.18 23.79
CA GLN C 82 -3.97 20.44 22.90
C GLN C 82 -3.80 21.88 22.39
N PHE C 83 -4.89 22.61 22.13
CA PHE C 83 -4.73 23.99 21.64
C PHE C 83 -4.85 25.03 22.72
N GLY C 84 -5.52 24.66 23.81
CA GLY C 84 -5.68 25.55 24.94
C GLY C 84 -6.67 26.68 24.75
N ARG C 85 -6.15 27.89 24.55
CA ARG C 85 -6.97 29.09 24.37
C ARG C 85 -7.57 29.13 22.97
N GLU C 86 -6.69 29.05 21.97
CA GLU C 86 -7.13 29.09 20.59
C GLU C 86 -8.06 27.92 20.22
N ALA C 87 -8.34 27.04 21.19
CA ALA C 87 -9.20 25.87 20.97
C ALA C 87 -10.62 26.22 20.54
N LEU C 88 -11.13 27.33 21.07
CA LEU C 88 -12.47 27.80 20.72
C LEU C 88 -12.55 27.81 19.19
N ALA C 89 -11.59 28.47 18.57
CA ALA C 89 -11.50 28.60 17.11
C ALA C 89 -11.40 27.25 16.42
N VAL C 90 -10.25 26.60 16.61
CA VAL C 90 -9.97 25.29 16.02
C VAL C 90 -11.16 24.37 15.82
N LEU C 91 -12.06 24.33 16.80
CA LEU C 91 -13.24 23.47 16.71
C LEU C 91 -14.25 23.90 15.64
N ASP C 92 -14.21 25.14 15.20
CA ASP C 92 -15.14 25.60 14.18
C ASP C 92 -14.81 25.00 12.80
N ARG C 93 -13.65 24.36 12.67
CA ARG C 93 -13.22 23.77 11.40
C ARG C 93 -13.40 22.24 11.40
N CYS C 94 -13.86 21.71 12.51
CA CYS C 94 -14.05 20.28 12.62
C CYS C 94 -15.50 19.96 12.41
N PHE C 95 -15.79 18.68 12.32
CA PHE C 95 -17.15 18.23 12.18
C PHE C 95 -17.41 17.58 13.53
N TYR C 96 -18.69 17.40 13.85
CA TYR C 96 -19.08 16.71 15.07
C TYR C 96 -19.98 15.60 14.53
N LEU C 97 -20.10 14.51 15.27
CA LEU C 97 -20.94 13.42 14.85
C LEU C 97 -22.29 13.58 15.54
N ALA C 98 -23.37 13.51 14.77
CA ALA C 98 -24.72 13.61 15.32
C ALA C 98 -25.44 12.32 14.97
N THR C 99 -26.47 11.99 15.74
CA THR C 99 -27.24 10.76 15.50
C THR C 99 -28.76 10.86 15.76
N LEU C 100 -29.52 10.01 15.08
CA LEU C 100 -30.97 10.00 15.23
C LEU C 100 -31.42 9.34 16.53
N PRO C 101 -32.17 10.09 17.39
CA PRO C 101 -32.66 9.51 18.65
C PRO C 101 -33.70 8.42 18.32
N LYS C 102 -33.73 7.33 19.08
CA LYS C 102 -34.67 6.22 18.85
C LYS C 102 -36.09 6.61 19.18
N PRO C 103 -36.80 7.30 18.23
CA PRO C 103 -38.17 7.73 18.46
C PRO C 103 -39.07 6.71 19.16
N ASN C 104 -39.33 6.97 20.44
CA ASN C 104 -40.16 6.12 21.28
C ASN C 104 -39.66 4.66 21.33
N LEU C 174 -36.74 12.03 12.49
CA LEU C 174 -36.61 13.25 13.33
C LEU C 174 -35.42 14.14 12.90
N LYS C 175 -34.69 14.60 13.90
CA LYS C 175 -33.53 15.45 13.69
C LYS C 175 -32.39 14.78 14.42
N PRO C 176 -31.18 14.81 13.82
CA PRO C 176 -30.00 14.19 14.42
C PRO C 176 -29.54 15.01 15.62
N ILE C 177 -29.15 14.32 16.69
CA ILE C 177 -28.68 14.98 17.90
C ILE C 177 -27.13 14.92 18.01
N SER C 178 -26.51 16.10 17.96
CA SER C 178 -25.06 16.16 18.05
C SER C 178 -24.57 15.52 19.32
N SER C 179 -23.32 15.10 19.30
CA SER C 179 -22.67 14.51 20.47
C SER C 179 -21.40 15.32 20.65
N THR C 180 -20.53 14.89 21.55
CA THR C 180 -19.32 15.66 21.79
C THR C 180 -18.07 15.09 21.08
N LEU C 181 -18.32 14.12 20.21
CA LEU C 181 -17.32 13.44 19.37
C LEU C 181 -17.01 14.18 18.08
N THR C 182 -15.74 14.29 17.73
CA THR C 182 -15.40 14.98 16.48
C THR C 182 -14.56 14.08 15.58
N LEU C 183 -14.59 14.35 14.28
CA LEU C 183 -13.74 13.64 13.35
C LEU C 183 -12.47 14.46 13.44
N ARG C 184 -11.31 13.81 13.49
CA ARG C 184 -10.05 14.53 13.56
C ARG C 184 -9.81 15.37 12.30
N SER C 185 -9.42 16.64 12.50
CA SER C 185 -9.17 17.56 11.38
C SER C 185 -7.71 17.52 10.95
N HIS C 186 -6.85 17.05 11.84
CA HIS C 186 -5.45 16.87 11.54
C HIS C 186 -4.99 15.65 12.32
N MET C 187 -3.83 15.10 11.99
CA MET C 187 -3.41 13.88 12.67
C MET C 187 -2.97 14.08 14.15
N THR C 188 -2.54 15.28 14.48
CA THR C 188 -2.07 15.61 15.81
C THR C 188 -3.02 15.25 16.95
N THR C 189 -4.31 15.44 16.70
CA THR C 189 -5.33 15.15 17.72
C THR C 189 -5.21 13.69 18.19
N GLY C 190 -4.89 12.80 17.25
CA GLY C 190 -4.72 11.38 17.53
C GLY C 190 -3.33 11.02 18.04
N TRP C 191 -2.31 11.76 17.65
CA TRP C 191 -0.96 11.44 18.12
C TRP C 191 -0.77 11.54 19.61
N PHE C 192 -1.34 12.57 20.26
CA PHE C 192 -1.11 12.72 21.70
C PHE C 192 -1.70 11.57 22.42
N ILE C 193 -2.88 11.14 21.97
CA ILE C 193 -3.55 10.02 22.60
C ILE C 193 -2.65 8.79 22.52
N THR C 194 -2.25 8.45 21.30
CA THR C 194 -1.41 7.30 21.03
C THR C 194 -0.09 7.34 21.82
N LEU C 195 0.57 8.49 21.81
CA LEU C 195 1.83 8.62 22.52
C LEU C 195 1.74 8.51 24.04
N SER C 196 0.60 8.83 24.64
CA SER C 196 0.53 8.76 26.10
C SER C 196 0.67 7.36 26.63
N HIS C 197 0.52 6.38 25.78
CA HIS C 197 0.65 5.02 26.26
C HIS C 197 2.04 4.45 26.10
N ILE C 198 2.88 5.12 25.33
CA ILE C 198 4.18 4.55 25.08
C ILE C 198 5.38 5.45 25.32
N ALA C 199 5.20 6.75 25.22
CA ALA C 199 6.34 7.62 25.33
C ALA C 199 7.23 7.49 26.57
N ASP C 200 6.76 6.76 27.56
CA ASP C 200 7.51 6.61 28.81
C ASP C 200 7.95 5.16 29.04
N LYS C 201 7.46 4.24 28.20
CA LYS C 201 7.79 2.83 28.35
C LYS C 201 8.53 2.17 27.22
N LEU C 202 8.90 2.91 26.18
CA LEU C 202 9.60 2.28 25.07
C LEU C 202 10.91 2.97 24.92
N PRO C 203 11.90 2.25 24.43
CA PRO C 203 13.22 2.83 24.27
C PRO C 203 13.20 3.98 23.28
N LEU C 204 13.91 5.03 23.61
CA LEU C 204 13.98 6.22 22.76
C LEU C 204 15.13 6.09 21.79
N PRO C 205 15.00 6.64 20.57
CA PRO C 205 13.83 7.35 20.09
C PRO C 205 12.67 6.42 19.65
N ILE C 206 11.51 7.03 19.51
CA ILE C 206 10.30 6.39 19.07
C ILE C 206 10.03 7.09 17.76
N LYS C 207 9.72 6.34 16.74
CA LYS C 207 9.49 6.94 15.44
C LYS C 207 8.31 6.23 14.93
N LEU C 208 7.20 6.94 14.87
CA LEU C 208 5.96 6.40 14.39
C LEU C 208 5.46 7.21 13.19
N PHE C 209 4.56 6.66 12.37
CA PHE C 209 3.99 7.42 11.25
C PHE C 209 2.63 6.85 10.90
N SER C 210 1.88 7.60 10.11
CA SER C 210 0.55 7.14 9.72
C SER C 210 -0.03 7.96 8.57
N ILE C 211 -0.42 7.28 7.53
CA ILE C 211 -1.03 7.94 6.39
C ILE C 211 -2.50 7.51 6.50
N ASP C 212 -3.36 8.45 6.85
CA ASP C 212 -4.75 8.11 7.04
C ASP C 212 -5.62 9.33 6.70
N ARG C 213 -6.94 9.13 6.80
CA ARG C 213 -7.94 10.17 6.51
C ARG C 213 -8.22 11.22 7.61
N CYS C 214 -8.46 12.45 7.18
CA CYS C 214 -8.79 13.53 8.10
C CYS C 214 -9.97 14.30 7.55
N PHE C 215 -10.79 14.85 8.45
CA PHE C 215 -11.97 15.60 8.03
C PHE C 215 -11.93 17.07 8.38
N ARG C 216 -12.20 17.93 7.40
CA ARG C 216 -12.12 19.36 7.63
C ARG C 216 -13.09 20.14 6.80
N ARG C 217 -13.91 20.97 7.44
CA ARG C 217 -14.85 21.82 6.72
C ARG C 217 -14.11 23.12 6.42
N GLU C 218 -14.07 23.52 5.16
CA GLU C 218 -13.38 24.76 4.78
C GLU C 218 -14.35 25.64 4.03
N GLN C 219 -15.00 26.54 4.75
CA GLN C 219 -15.97 27.48 4.18
C GLN C 219 -17.24 26.69 3.85
N GLY C 220 -17.09 25.73 2.94
CA GLY C 220 -18.20 24.90 2.47
C GLY C 220 -18.11 24.85 0.96
N GLU C 221 -16.89 24.68 0.45
CA GLU C 221 -16.61 24.64 -0.98
C GLU C 221 -15.71 23.42 -1.31
N ASP C 222 -15.76 22.98 -2.56
CA ASP C 222 -14.95 21.83 -3.00
C ASP C 222 -13.81 22.31 -3.91
N ALA C 223 -13.93 23.53 -4.44
CA ALA C 223 -12.89 24.09 -5.30
C ALA C 223 -11.84 24.71 -4.38
N THR C 224 -12.27 25.09 -3.17
CA THR C 224 -11.38 25.66 -2.15
C THR C 224 -10.53 24.49 -1.63
N ARG C 225 -11.21 23.46 -1.12
CA ARG C 225 -10.59 22.26 -0.58
C ARG C 225 -11.71 21.21 -0.48
N LEU C 226 -11.35 19.98 -0.15
CA LEU C 226 -12.35 18.92 -0.02
C LEU C 226 -12.62 18.61 1.47
N TYR C 227 -13.79 18.07 1.77
CA TYR C 227 -14.14 17.73 3.15
C TYR C 227 -13.22 16.68 3.79
N THR C 228 -12.81 15.69 3.00
CA THR C 228 -11.91 14.64 3.50
C THR C 228 -10.63 14.67 2.73
N TYR C 229 -9.55 14.27 3.39
CA TYR C 229 -8.28 14.22 2.73
C TYR C 229 -7.34 13.29 3.48
N PHE C 230 -6.19 13.05 2.88
CA PHE C 230 -5.17 12.17 3.46
C PHE C 230 -3.97 12.92 3.95
N SER C 231 -3.61 12.60 5.19
CA SER C 231 -2.48 13.17 5.92
C SER C 231 -1.40 12.08 6.02
N ALA C 232 -0.15 12.43 5.70
CA ALA C 232 0.97 11.48 5.80
C ALA C 232 1.83 12.07 6.88
N SER C 233 1.68 11.63 8.12
CA SER C 233 2.47 12.27 9.13
C SER C 233 3.22 11.35 10.05
N CYS C 234 4.17 11.95 10.78
CA CYS C 234 5.00 11.18 11.69
C CYS C 234 5.37 11.92 12.95
N VAL C 235 5.71 11.17 13.99
CA VAL C 235 6.17 11.76 15.25
C VAL C 235 7.55 11.19 15.58
N LEU C 236 8.39 11.98 16.25
CA LEU C 236 9.71 11.54 16.62
C LEU C 236 10.00 11.89 18.08
N VAL C 237 9.72 10.98 19.00
CA VAL C 237 9.98 11.16 20.44
C VAL C 237 11.48 10.90 20.80
N ASP C 238 12.07 11.78 21.59
CA ASP C 238 13.48 11.64 21.98
C ASP C 238 13.83 12.63 23.13
N GLU C 239 15.02 12.53 23.70
CA GLU C 239 15.39 13.42 24.79
C GLU C 239 15.86 14.77 24.29
N GLU C 240 16.57 14.81 23.19
CA GLU C 240 16.99 16.12 22.72
C GLU C 240 16.65 16.34 21.24
N LEU C 241 15.67 17.20 20.95
CA LEU C 241 15.27 17.49 19.59
C LEU C 241 15.39 18.95 19.30
N SER C 242 15.37 19.30 18.04
CA SER C 242 15.46 20.68 17.62
C SER C 242 14.82 20.80 16.24
N VAL C 243 14.72 21.99 15.74
CA VAL C 243 14.07 22.20 14.49
C VAL C 243 14.83 21.42 13.43
N ASP C 244 16.07 21.04 13.74
CA ASP C 244 16.93 20.31 12.79
C ASP C 244 16.50 18.86 12.51
N ASP C 245 15.95 18.19 13.52
CA ASP C 245 15.44 16.86 13.34
C ASP C 245 14.32 16.84 12.33
N GLY C 246 13.52 17.91 12.32
CA GLY C 246 12.42 18.01 11.39
C GLY C 246 12.88 18.13 9.95
N LYS C 247 13.88 18.98 9.75
CA LYS C 247 14.44 19.21 8.43
C LYS C 247 15.10 17.97 7.87
N ALA C 248 15.83 17.27 8.73
CA ALA C 248 16.50 16.02 8.37
C ALA C 248 15.46 15.04 7.86
N VAL C 249 14.42 14.79 8.66
CA VAL C 249 13.34 13.86 8.28
C VAL C 249 12.67 14.31 6.97
N ALA C 250 12.31 15.57 6.90
CA ALA C 250 11.70 16.11 5.69
C ALA C 250 12.54 15.78 4.48
N GLU C 251 13.84 15.93 4.59
CA GLU C 251 14.72 15.62 3.47
C GLU C 251 14.75 14.12 3.16
N ALA C 252 14.97 13.28 4.17
CA ALA C 252 15.02 11.85 3.97
C ALA C 252 13.77 11.32 3.30
N LEU C 253 12.63 11.93 3.63
CA LEU C 253 11.39 11.46 3.07
C LEU C 253 11.19 12.03 1.68
N LEU C 254 11.38 13.34 1.52
CA LEU C 254 11.16 13.94 0.21
C LEU C 254 12.15 13.59 -0.87
N ARG C 255 13.37 13.23 -0.48
CA ARG C 255 14.37 12.88 -1.48
C ARG C 255 13.97 11.66 -2.29
N GLN C 256 13.26 10.76 -1.61
CA GLN C 256 12.78 9.52 -2.19
C GLN C 256 11.62 9.73 -3.19
N PHE C 257 11.19 10.96 -3.38
CA PHE C 257 10.12 11.20 -4.34
C PHE C 257 10.75 12.07 -5.41
N GLY C 258 12.05 12.24 -5.29
CA GLY C 258 12.79 13.00 -6.29
C GLY C 258 12.98 14.49 -6.13
N PHE C 259 12.72 15.01 -4.92
CA PHE C 259 12.89 16.42 -4.67
C PHE C 259 14.39 16.56 -4.44
N GLU C 260 15.00 17.62 -4.98
CA GLU C 260 16.45 17.79 -4.81
C GLU C 260 17.00 18.85 -3.89
N ASN C 261 16.21 19.87 -3.60
CA ASN C 261 16.68 20.94 -2.75
C ASN C 261 15.56 21.39 -1.81
N PHE C 262 15.94 21.76 -0.60
CA PHE C 262 14.99 22.17 0.42
C PHE C 262 15.23 23.52 1.05
N ARG C 263 14.15 24.23 1.35
CA ARG C 263 14.24 25.53 2.00
C ARG C 263 13.20 25.56 3.08
N PHE C 264 13.59 25.94 4.30
CA PHE C 264 12.65 26.00 5.40
C PHE C 264 12.39 27.43 5.84
N ARG C 265 11.14 27.74 6.21
CA ARG C 265 10.79 29.07 6.69
C ARG C 265 9.84 28.93 7.88
N LYS C 266 9.87 29.89 8.81
CA LYS C 266 9.01 29.77 10.00
C LYS C 266 7.59 30.12 9.64
N ASP C 267 6.68 29.25 10.02
CA ASP C 267 5.26 29.44 9.76
C ASP C 267 4.69 30.47 10.73
N GLU C 268 4.21 31.56 10.14
CA GLU C 268 3.65 32.68 10.89
C GLU C 268 2.55 32.35 11.86
N LYS C 269 1.68 31.40 11.51
CA LYS C 269 0.56 31.08 12.37
C LYS C 269 0.89 30.53 13.76
N ARG C 270 2.17 30.41 14.07
CA ARG C 270 2.66 29.89 15.37
C ARG C 270 1.62 29.20 16.22
N SER C 271 1.11 28.07 15.77
CA SER C 271 0.12 27.34 16.54
C SER C 271 0.59 26.96 17.95
N LYS C 272 -0.35 27.04 18.88
CA LYS C 272 -0.09 26.79 20.27
C LYS C 272 0.24 25.36 20.63
N TYR C 273 0.04 24.41 19.72
CA TYR C 273 0.38 23.02 20.06
C TYR C 273 1.88 22.73 19.83
N TYR C 274 2.59 23.63 19.14
CA TYR C 274 4.04 23.50 18.94
C TYR C 274 4.84 24.58 19.73
N ILE C 275 5.99 24.18 20.29
CA ILE C 275 6.89 25.10 20.99
C ILE C 275 7.05 26.37 20.12
N PRO C 276 7.14 27.54 20.76
CA PRO C 276 7.29 28.75 19.96
C PRO C 276 8.52 28.81 19.07
N ASP C 277 8.26 29.09 17.78
CA ASP C 277 9.28 29.21 16.77
C ASP C 277 9.81 27.88 16.18
N THR C 278 9.19 26.75 16.55
CA THR C 278 9.58 25.47 15.97
C THR C 278 8.69 25.22 14.70
N GLN C 279 7.44 25.71 14.71
CA GLN C 279 6.58 25.49 13.54
C GLN C 279 7.23 26.01 12.27
N THR C 280 7.54 25.07 11.38
CA THR C 280 8.24 25.32 10.12
C THR C 280 7.44 24.87 8.90
N GLU C 281 7.62 25.62 7.83
CA GLU C 281 6.99 25.38 6.53
C GLU C 281 8.10 24.84 5.63
N VAL C 282 7.93 23.69 4.97
CA VAL C 282 9.00 23.18 4.09
C VAL C 282 8.74 23.28 2.57
N PHE C 283 9.71 23.89 1.88
CA PHE C 283 9.68 24.10 0.43
C PHE C 283 10.68 23.20 -0.20
N ALA C 284 10.27 22.59 -1.29
CA ALA C 284 11.11 21.64 -1.96
C ALA C 284 11.14 21.87 -3.44
N PHE C 285 12.31 21.65 -4.01
CA PHE C 285 12.50 21.81 -5.44
C PHE C 285 12.43 20.49 -6.17
N HIS C 286 11.42 20.35 -7.01
CA HIS C 286 11.33 19.13 -7.77
C HIS C 286 11.53 19.48 -9.21
N PRO C 287 12.41 18.77 -9.88
CA PRO C 287 12.71 19.00 -11.30
C PRO C 287 11.52 18.88 -12.25
N LYS C 288 10.60 17.94 -12.02
CA LYS C 288 9.41 17.83 -12.89
C LYS C 288 8.74 19.21 -12.99
N LEU C 289 8.60 19.87 -11.84
CA LEU C 289 7.94 21.17 -11.71
C LEU C 289 8.51 22.38 -12.45
N VAL C 290 9.81 22.43 -12.75
CA VAL C 290 10.29 23.60 -13.46
C VAL C 290 9.91 23.40 -14.90
N GLY C 291 9.31 24.43 -15.47
CA GLY C 291 8.82 24.36 -16.84
C GLY C 291 7.33 24.16 -16.69
N SER C 292 6.93 23.73 -15.50
CA SER C 292 5.53 23.47 -15.13
C SER C 292 4.54 24.51 -15.68
N SER C 293 3.46 24.01 -16.28
CA SER C 293 2.43 24.87 -16.83
C SER C 293 1.69 25.52 -15.66
N THR C 294 2.30 25.43 -14.48
CA THR C 294 1.73 26.01 -13.27
C THR C 294 2.68 27.07 -12.73
N LYS C 295 2.41 27.51 -11.51
CA LYS C 295 3.21 28.54 -10.85
C LYS C 295 4.29 27.97 -9.94
N TYR C 296 4.66 26.73 -10.20
CA TYR C 296 5.71 26.06 -9.46
C TYR C 296 6.83 25.99 -10.49
N SER C 297 6.65 26.83 -11.51
CA SER C 297 7.56 26.96 -12.64
C SER C 297 9.07 27.02 -12.31
N ASP C 298 9.44 27.51 -11.14
CA ASP C 298 10.87 27.57 -10.81
C ASP C 298 11.22 26.28 -10.11
N GLY C 299 10.24 25.38 -10.09
CA GLY C 299 10.41 24.06 -9.49
C GLY C 299 10.18 23.91 -8.00
N TRP C 300 9.97 25.01 -7.29
CA TRP C 300 9.77 24.93 -5.86
C TRP C 300 8.33 24.89 -5.46
N ILE C 301 8.04 24.21 -4.35
CA ILE C 301 6.68 24.12 -3.85
C ILE C 301 6.66 23.83 -2.34
N GLU C 302 5.65 24.35 -1.63
CA GLU C 302 5.53 24.11 -0.21
C GLU C 302 4.88 22.74 -0.17
N ILE C 303 5.53 21.80 0.52
CA ILE C 303 5.03 20.44 0.47
C ILE C 303 4.80 19.74 1.78
N ALA C 304 5.27 20.34 2.87
CA ALA C 304 5.11 19.76 4.21
C ALA C 304 5.31 20.82 5.28
N THR C 305 5.10 20.43 6.53
CA THR C 305 5.31 21.32 7.67
C THR C 305 5.63 20.47 8.90
N PHE C 306 6.29 21.06 9.90
CA PHE C 306 6.58 20.31 11.13
C PHE C 306 6.76 21.27 12.30
N GLY C 307 6.95 20.74 13.50
CA GLY C 307 7.19 21.56 14.67
C GLY C 307 7.50 20.61 15.79
N ILE C 308 7.98 21.10 16.92
CA ILE C 308 8.21 20.23 18.07
C ILE C 308 7.03 20.57 18.96
N TYR C 309 6.29 19.59 19.47
CA TYR C 309 5.14 19.88 20.33
C TYR C 309 5.50 20.73 21.57
N SER C 310 4.52 21.46 22.11
CA SER C 310 4.75 22.30 23.27
C SER C 310 4.48 21.45 24.48
N PRO C 311 5.37 21.51 25.50
CA PRO C 311 5.14 20.69 26.69
C PRO C 311 3.83 21.02 27.37
N THR C 312 3.23 22.15 26.97
CA THR C 312 1.94 22.57 27.51
C THR C 312 0.93 21.47 27.15
N ALA C 313 0.95 21.08 25.87
CA ALA C 313 0.11 20.03 25.30
C ALA C 313 0.50 18.62 25.75
N LEU C 314 1.79 18.34 25.60
CA LEU C 314 2.42 17.07 25.97
C LEU C 314 2.12 16.69 27.43
N ALA C 315 2.33 17.65 28.33
CA ALA C 315 2.13 17.48 29.77
C ALA C 315 0.72 17.05 30.06
N GLU C 316 -0.22 17.46 29.20
CA GLU C 316 -1.61 17.08 29.34
C GLU C 316 -1.80 15.59 29.14
N TYR C 317 -0.81 14.93 28.56
CA TYR C 317 -0.88 13.51 28.31
C TYR C 317 0.14 12.67 29.04
N ASP C 318 0.95 13.33 29.85
CA ASP C 318 1.97 12.70 30.65
C ASP C 318 3.17 12.23 29.82
N ILE C 319 3.38 12.92 28.71
CA ILE C 319 4.48 12.66 27.82
C ILE C 319 5.55 13.60 28.36
N PRO C 320 6.70 13.06 28.80
CA PRO C 320 7.75 13.92 29.35
C PRO C 320 8.86 14.33 28.45
N TYR C 321 8.74 14.06 27.15
CA TYR C 321 9.81 14.38 26.19
C TYR C 321 9.40 15.20 25.00
N PRO C 322 10.37 15.90 24.43
CA PRO C 322 10.03 16.69 23.25
C PRO C 322 9.52 15.71 22.18
N VAL C 323 8.75 16.21 21.24
CA VAL C 323 8.24 15.34 20.19
C VAL C 323 8.18 16.16 18.92
N MET C 324 8.84 15.66 17.89
CA MET C 324 8.84 16.36 16.63
C MET C 324 7.66 15.78 15.83
N ASN C 325 6.93 16.65 15.13
CA ASN C 325 5.81 16.19 14.31
C ASN C 325 5.94 16.84 12.93
N LEU C 326 6.01 16.00 11.90
CA LEU C 326 6.15 16.44 10.50
C LEU C 326 4.96 15.81 9.83
N GLY C 327 4.45 16.48 8.81
CA GLY C 327 3.30 15.95 8.11
C GLY C 327 3.22 16.54 6.72
N LEU C 328 2.70 15.78 5.78
CA LEU C 328 2.58 16.33 4.47
C LEU C 328 1.36 15.79 3.81
N GLY C 329 0.68 16.69 3.08
CA GLY C 329 -0.54 16.38 2.37
C GLY C 329 -0.35 15.47 1.18
N VAL C 330 -1.14 14.42 1.15
CA VAL C 330 -0.94 13.46 0.12
C VAL C 330 -1.38 13.93 -1.23
N GLU C 331 -2.51 14.60 -1.24
CA GLU C 331 -3.11 15.06 -2.46
C GLU C 331 -2.20 15.94 -3.28
N ARG C 332 -1.53 16.86 -2.61
CA ARG C 332 -0.60 17.70 -3.36
C ARG C 332 0.58 16.89 -3.96
N LEU C 333 1.10 15.94 -3.18
CA LEU C 333 2.22 15.12 -3.59
C LEU C 333 1.80 14.25 -4.77
N ALA C 334 0.66 13.60 -4.65
CA ALA C 334 0.18 12.75 -5.72
C ALA C 334 -0.09 13.55 -6.99
N MET C 335 -0.55 14.78 -6.85
CA MET C 335 -0.78 15.57 -8.06
C MET C 335 0.53 15.85 -8.75
N ILE C 336 1.59 16.13 -7.97
CA ILE C 336 2.92 16.42 -8.54
C ILE C 336 3.46 15.19 -9.26
N LEU C 337 3.40 14.06 -8.57
CA LEU C 337 3.88 12.81 -9.11
C LEU C 337 3.16 12.33 -10.36
N TYR C 338 1.83 12.33 -10.34
CA TYR C 338 1.08 11.86 -11.50
C TYR C 338 0.62 12.92 -12.52
N GLY C 339 1.03 14.16 -12.32
CA GLY C 339 0.70 15.24 -13.23
C GLY C 339 -0.75 15.66 -13.35
N TYR C 340 -1.34 16.17 -12.26
CA TYR C 340 -2.73 16.61 -12.26
C TYR C 340 -2.74 18.02 -11.81
N ASP C 341 -3.69 18.80 -12.30
CA ASP C 341 -3.79 20.20 -11.89
C ASP C 341 -4.97 20.46 -10.98
N ASP C 342 -6.02 19.64 -11.08
CA ASP C 342 -7.18 19.84 -10.22
C ASP C 342 -7.35 18.67 -9.23
N VAL C 343 -7.26 18.95 -7.93
CA VAL C 343 -7.39 17.86 -6.96
C VAL C 343 -8.61 16.99 -7.18
N ARG C 344 -9.79 17.58 -7.33
CA ARG C 344 -10.98 16.76 -7.49
C ARG C 344 -10.99 15.96 -8.77
N LYS C 345 -10.20 16.37 -9.76
CA LYS C 345 -10.18 15.60 -11.00
C LYS C 345 -9.29 14.41 -10.87
N MET C 346 -8.29 14.53 -9.98
CA MET C 346 -7.32 13.46 -9.74
C MET C 346 -7.91 12.39 -8.82
N VAL C 347 -8.65 12.83 -7.83
CA VAL C 347 -9.30 11.97 -6.87
C VAL C 347 -10.60 11.36 -7.38
N TYR C 348 -11.45 12.17 -7.96
CA TYR C 348 -12.73 11.64 -8.42
C TYR C 348 -12.90 11.87 -9.92
N PRO C 349 -12.07 11.20 -10.72
CA PRO C 349 -12.21 11.40 -12.17
C PRO C 349 -13.53 10.92 -12.77
N GLN C 350 -14.24 9.97 -12.18
CA GLN C 350 -15.51 9.51 -12.77
C GLN C 350 -16.52 10.61 -12.53
N ILE C 351 -16.70 10.96 -11.26
CA ILE C 351 -17.62 12.01 -10.89
C ILE C 351 -17.35 13.35 -11.60
N HIS C 352 -16.17 13.52 -12.21
CA HIS C 352 -15.81 14.77 -12.92
C HIS C 352 -15.43 14.48 -14.38
N GLY C 353 -16.15 13.55 -15.02
CA GLY C 353 -15.92 13.16 -16.41
C GLY C 353 -14.57 12.82 -17.02
N GLU C 354 -13.64 12.32 -16.21
CA GLU C 354 -12.27 11.93 -16.61
C GLU C 354 -12.08 10.52 -17.20
N ILE C 355 -13.17 9.80 -17.45
CA ILE C 355 -13.10 8.49 -18.06
C ILE C 355 -12.25 8.69 -19.33
N LYS C 356 -11.46 7.69 -19.73
CA LYS C 356 -10.57 7.85 -20.89
C LYS C 356 -10.08 6.57 -21.57
N LEU C 357 -10.70 6.14 -22.67
CA LEU C 357 -10.17 4.94 -23.36
C LEU C 357 -9.09 5.36 -24.35
N SER C 358 -8.09 4.51 -24.56
CA SER C 358 -7.03 4.85 -25.50
C SER C 358 -7.49 4.56 -26.92
N ASP C 359 -6.64 4.84 -27.90
CA ASP C 359 -7.01 4.55 -29.27
C ASP C 359 -7.04 3.03 -29.45
N LEU C 360 -6.02 2.36 -28.91
CA LEU C 360 -5.92 0.91 -29.03
C LEU C 360 -7.11 0.18 -28.42
N ASP C 361 -7.71 0.82 -27.42
CA ASP C 361 -8.88 0.29 -26.72
C ASP C 361 -10.15 0.43 -27.53
N ILE C 362 -10.24 1.51 -28.28
CA ILE C 362 -11.44 1.72 -29.06
C ILE C 362 -11.32 0.90 -30.30
N ALA C 363 -10.13 0.80 -30.85
CA ALA C 363 -9.99 -0.05 -32.03
C ALA C 363 -10.52 -1.42 -31.63
N ARG C 364 -10.00 -1.95 -30.52
CA ARG C 364 -10.42 -3.23 -29.97
C ARG C 364 -11.93 -3.47 -30.01
N GLU C 365 -12.70 -2.40 -29.83
CA GLU C 365 -14.17 -2.47 -29.80
C GLU C 365 -14.93 -2.42 -31.17
N ILE C 366 -14.21 -2.18 -32.25
CA ILE C 366 -14.80 -2.09 -33.58
C ILE C 366 -14.85 -3.48 -34.19
N LYS C 367 -16.06 -4.04 -34.17
CA LYS C 367 -16.28 -5.40 -34.64
C LYS C 367 -17.09 -5.58 -35.91
N VAL C 368 -16.82 -6.70 -36.58
CA VAL C 368 -17.52 -7.10 -37.81
C VAL C 368 -18.92 -7.61 -37.40
N LYS C 369 -19.99 -6.93 -37.79
CA LYS C 369 -21.35 -7.33 -37.40
C LYS C 369 -21.83 -8.70 -37.81
N GLU C 370 -21.71 -9.03 -39.09
CA GLU C 370 -22.15 -10.34 -39.56
C GLU C 370 -20.94 -11.04 -40.10
N VAL C 371 -20.70 -12.26 -39.64
CA VAL C 371 -19.54 -13.03 -40.11
C VAL C 371 -20.02 -14.39 -40.60
N PRO C 372 -19.37 -14.95 -41.63
CA PRO C 372 -19.68 -16.25 -42.23
C PRO C 372 -19.30 -17.41 -41.30
N GLN C 373 -20.27 -18.25 -40.92
CA GLN C 373 -20.03 -19.39 -40.01
C GLN C 373 -19.29 -20.58 -40.62
N THR C 374 -19.52 -20.80 -41.91
CA THR C 374 -18.91 -21.90 -42.64
C THR C 374 -17.43 -21.68 -42.90
N ALA C 375 -16.70 -22.78 -43.02
CA ALA C 375 -15.28 -22.71 -43.30
C ALA C 375 -15.12 -22.13 -44.71
N VAL C 376 -16.01 -22.56 -45.59
CA VAL C 376 -16.01 -22.10 -46.98
C VAL C 376 -16.72 -20.76 -47.01
N GLY C 377 -17.51 -20.47 -45.97
CA GLY C 377 -18.19 -19.20 -45.91
C GLY C 377 -17.13 -18.11 -45.94
N LEU C 378 -16.02 -18.38 -45.26
CA LEU C 378 -14.89 -17.45 -45.22
C LEU C 378 -14.08 -17.52 -46.52
N LYS C 379 -13.59 -18.70 -46.91
CA LYS C 379 -12.82 -18.84 -48.16
C LYS C 379 -13.47 -18.06 -49.30
N ILE C 380 -14.76 -17.76 -49.12
CA ILE C 380 -15.58 -17.01 -50.06
C ILE C 380 -15.31 -15.52 -49.97
N ALA C 381 -15.77 -14.93 -48.87
CA ALA C 381 -15.61 -13.51 -48.63
C ALA C 381 -14.17 -13.11 -48.88
N GLN C 382 -13.25 -14.02 -48.58
CA GLN C 382 -11.82 -13.76 -48.79
C GLN C 382 -11.52 -13.57 -50.25
N SER C 383 -12.31 -14.24 -51.06
CA SER C 383 -12.17 -14.17 -52.50
C SER C 383 -12.94 -12.96 -53.01
N ILE C 384 -14.16 -12.79 -52.52
CA ILE C 384 -14.93 -11.63 -52.93
C ILE C 384 -13.96 -10.47 -52.79
N VAL C 385 -13.32 -10.41 -51.62
CA VAL C 385 -12.36 -9.36 -51.35
C VAL C 385 -11.14 -9.52 -52.27
N GLU C 386 -10.84 -10.76 -52.60
CA GLU C 386 -9.71 -11.01 -53.46
C GLU C 386 -9.81 -10.44 -54.86
N THR C 387 -10.55 -11.12 -55.74
CA THR C 387 -10.66 -10.67 -57.13
C THR C 387 -11.04 -9.21 -57.30
N ALA C 388 -11.92 -8.72 -56.44
CA ALA C 388 -12.36 -7.33 -56.50
C ALA C 388 -11.28 -6.36 -56.09
N GLU C 389 -10.11 -6.88 -55.74
CA GLU C 389 -8.97 -6.06 -55.30
C GLU C 389 -8.15 -5.60 -56.48
N LYS C 390 -7.91 -6.51 -57.42
CA LYS C 390 -7.15 -6.22 -58.62
C LYS C 390 -8.06 -5.65 -59.71
N HIS C 391 -9.14 -6.37 -59.98
CA HIS C 391 -10.11 -5.97 -60.99
C HIS C 391 -11.09 -4.93 -60.46
N ALA C 392 -10.65 -4.14 -59.49
CA ALA C 392 -11.51 -3.12 -58.90
C ALA C 392 -11.65 -1.97 -59.87
N SER C 393 -10.58 -1.76 -60.64
CA SER C 393 -10.45 -0.70 -61.62
C SER C 393 -11.19 -0.86 -62.95
N GLU C 394 -11.46 -2.11 -63.35
CA GLU C 394 -12.18 -2.39 -64.61
C GLU C 394 -13.40 -1.48 -64.80
N PRO C 395 -13.80 -1.23 -66.07
CA PRO C 395 -14.96 -0.36 -66.31
C PRO C 395 -16.31 -1.11 -66.41
N SER C 396 -17.38 -0.41 -66.00
CA SER C 396 -18.72 -0.98 -65.98
C SER C 396 -19.54 -0.91 -67.27
N PRO C 397 -20.26 -2.00 -67.56
CA PRO C 397 -20.24 -3.17 -66.68
C PRO C 397 -19.20 -4.24 -67.02
N CYS C 398 -18.98 -5.11 -66.04
CA CYS C 398 -18.06 -6.22 -66.15
C CYS C 398 -18.38 -7.14 -64.97
N SER C 399 -17.80 -8.34 -64.97
CA SER C 399 -18.06 -9.29 -63.89
C SER C 399 -17.02 -10.39 -63.81
N PHE C 400 -16.44 -10.58 -62.62
CA PHE C 400 -15.45 -11.62 -62.46
C PHE C 400 -15.96 -12.68 -61.51
N LEU C 401 -15.55 -13.91 -61.78
CA LEU C 401 -15.93 -15.03 -60.96
C LEU C 401 -14.89 -15.04 -59.86
N ALA C 402 -15.37 -14.95 -58.62
CA ALA C 402 -14.51 -14.93 -57.45
C ALA C 402 -14.37 -16.32 -56.85
N PHE C 403 -15.52 -16.95 -56.59
CA PHE C 403 -15.51 -18.27 -56.00
C PHE C 403 -16.44 -19.29 -56.64
N GLU C 404 -16.10 -20.55 -56.39
CA GLU C 404 -16.83 -21.73 -56.85
C GLU C 404 -16.37 -23.00 -56.13
N GLY C 405 -17.33 -23.63 -55.46
CA GLY C 405 -17.08 -24.84 -54.70
C GLY C 405 -18.41 -25.15 -54.06
N GLU C 406 -18.43 -25.72 -52.85
CA GLU C 406 -19.71 -26.01 -52.21
C GLU C 406 -19.79 -25.80 -50.70
N MET C 407 -20.96 -25.36 -50.25
CA MET C 407 -21.24 -25.12 -48.82
C MET C 407 -22.66 -25.64 -48.57
N MET C 408 -22.90 -26.19 -47.38
CA MET C 408 -24.20 -26.77 -47.05
C MET C 408 -24.56 -27.76 -48.14
N GLY C 409 -23.55 -28.51 -48.60
CA GLY C 409 -23.72 -29.51 -49.64
C GLY C 409 -24.39 -29.04 -50.93
N ARG C 410 -24.04 -27.84 -51.38
CA ARG C 410 -24.62 -27.30 -52.60
C ARG C 410 -23.66 -26.39 -53.36
N ASN C 411 -23.12 -26.90 -54.47
CA ASN C 411 -22.17 -26.17 -55.30
C ASN C 411 -22.69 -24.81 -55.72
N VAL C 412 -21.81 -23.80 -55.62
CA VAL C 412 -22.17 -22.44 -55.96
C VAL C 412 -21.07 -21.64 -56.67
N ARG C 413 -21.49 -20.51 -57.23
CA ARG C 413 -20.61 -19.59 -57.95
C ARG C 413 -20.80 -18.17 -57.40
N VAL C 414 -19.68 -17.53 -57.05
CA VAL C 414 -19.66 -16.17 -56.50
C VAL C 414 -19.07 -15.16 -57.47
N TYR C 415 -19.81 -14.09 -57.74
CA TYR C 415 -19.40 -13.05 -58.67
C TYR C 415 -19.31 -11.64 -58.09
N VAL C 416 -18.30 -10.90 -58.55
CA VAL C 416 -18.07 -9.51 -58.16
C VAL C 416 -18.48 -8.73 -59.40
N VAL C 417 -19.45 -7.84 -59.29
CA VAL C 417 -19.91 -7.15 -60.48
C VAL C 417 -20.32 -5.67 -60.40
N GLU C 418 -20.70 -5.17 -61.57
CA GLU C 418 -21.18 -3.81 -61.77
C GLU C 418 -21.93 -3.81 -63.10
N GLU C 419 -23.07 -3.11 -63.10
CA GLU C 419 -23.92 -3.02 -64.27
C GLU C 419 -23.88 -1.65 -64.93
N GLU C 420 -24.13 -0.60 -64.15
CA GLU C 420 -24.13 0.79 -64.64
C GLU C 420 -23.01 1.02 -65.66
N GLU C 421 -22.98 2.20 -66.27
CA GLU C 421 -21.97 2.48 -67.28
C GLU C 421 -21.05 3.69 -67.06
N ASN C 422 -19.87 3.60 -67.66
CA ASN C 422 -18.79 4.59 -67.62
C ASN C 422 -18.01 4.52 -66.30
N THR C 423 -18.72 4.24 -65.21
CA THR C 423 -18.09 4.13 -63.90
C THR C 423 -17.17 2.90 -63.91
N LYS C 424 -16.91 2.33 -62.73
CA LYS C 424 -16.06 1.15 -62.64
C LYS C 424 -16.62 0.12 -61.68
N LEU C 425 -15.95 -1.03 -61.65
CA LEU C 425 -16.35 -2.14 -60.80
C LEU C 425 -16.67 -1.68 -59.39
N CYS C 426 -15.59 -1.27 -58.70
CA CYS C 426 -15.65 -0.81 -57.33
C CYS C 426 -15.54 0.70 -57.21
N GLY C 427 -16.29 1.27 -56.28
CA GLY C 427 -16.21 2.70 -56.04
C GLY C 427 -14.75 3.08 -55.79
N PRO C 428 -14.44 4.35 -55.53
CA PRO C 428 -12.99 4.54 -55.31
C PRO C 428 -12.54 4.38 -53.84
N ALA C 429 -13.50 4.12 -52.96
CA ALA C 429 -13.24 3.96 -51.54
C ALA C 429 -13.34 2.51 -51.05
N TYR C 430 -13.21 1.55 -51.96
CA TYR C 430 -13.31 0.16 -51.56
C TYR C 430 -12.17 -0.25 -50.62
N ALA C 431 -10.99 0.37 -50.78
CA ALA C 431 -9.82 0.02 -49.97
C ALA C 431 -9.52 0.97 -48.81
N ASN C 432 -10.54 1.68 -48.35
CA ASN C 432 -10.39 2.61 -47.24
C ASN C 432 -10.33 1.78 -45.97
N GLU C 433 -9.36 2.06 -45.10
CA GLU C 433 -9.20 1.32 -43.84
C GLU C 433 -9.78 2.07 -42.65
N VAL C 434 -10.40 1.34 -41.71
CA VAL C 434 -10.93 2.00 -40.52
C VAL C 434 -9.82 2.16 -39.50
N VAL C 435 -9.49 3.40 -39.12
CA VAL C 435 -8.42 3.63 -38.15
C VAL C 435 -8.78 4.62 -37.06
N VAL C 436 -8.30 4.37 -35.85
CA VAL C 436 -8.58 5.26 -34.75
C VAL C 436 -7.44 6.19 -34.46
N TYR C 437 -7.77 7.45 -34.17
CA TYR C 437 -6.76 8.44 -33.87
C TYR C 437 -7.35 9.52 -33.02
N LYS C 438 -6.60 9.92 -32.01
CA LYS C 438 -6.98 10.92 -31.04
C LYS C 438 -8.44 10.89 -30.69
N GLY C 439 -8.98 9.69 -30.47
CA GLY C 439 -10.36 9.55 -30.02
C GLY C 439 -11.48 9.39 -31.02
N ASP C 440 -11.15 9.65 -32.27
CA ASP C 440 -12.09 9.56 -33.38
C ASP C 440 -11.82 8.34 -34.25
N ILE C 441 -12.88 7.81 -34.84
CA ILE C 441 -12.80 6.65 -35.73
C ILE C 441 -12.92 7.20 -37.17
N TYR C 442 -11.86 7.07 -37.95
CA TYR C 442 -11.87 7.54 -39.34
C TYR C 442 -11.94 6.38 -40.32
N GLY C 443 -12.42 6.65 -41.53
CA GLY C 443 -12.45 5.65 -42.57
C GLY C 443 -11.72 6.41 -43.67
N ILE C 444 -10.46 6.07 -43.91
CA ILE C 444 -9.65 6.80 -44.86
C ILE C 444 -8.76 5.92 -45.72
N PRO C 445 -8.35 6.41 -46.88
CA PRO C 445 -7.49 5.62 -47.76
C PRO C 445 -6.05 5.76 -47.25
N LYS C 446 -5.18 4.85 -47.64
CA LYS C 446 -3.81 4.91 -47.17
C LYS C 446 -2.91 5.80 -48.01
N THR C 447 -3.18 7.10 -47.99
CA THR C 447 -2.41 8.07 -48.76
C THR C 447 -1.40 8.80 -47.88
N LYS C 448 -0.37 9.34 -48.51
CA LYS C 448 0.65 10.13 -47.80
C LYS C 448 -0.04 11.27 -47.04
N LYS C 449 -1.15 11.76 -47.58
CA LYS C 449 -1.91 12.80 -46.95
C LYS C 449 -2.29 12.35 -45.52
N TRP C 450 -2.39 11.04 -45.31
CA TRP C 450 -2.79 10.48 -44.02
C TRP C 450 -1.78 9.72 -43.16
N ARG C 451 -0.52 9.64 -43.57
CA ARG C 451 0.49 8.91 -42.79
C ARG C 451 0.40 9.16 -41.29
N SER C 452 0.35 10.41 -40.89
CA SER C 452 0.29 10.68 -39.48
C SER C 452 -0.81 9.82 -38.84
N PHE C 453 -2.03 9.81 -39.40
CA PHE C 453 -3.12 9.02 -38.84
C PHE C 453 -2.79 7.52 -38.80
N PHE C 454 -2.16 7.02 -39.85
CA PHE C 454 -1.83 5.60 -39.93
C PHE C 454 -0.65 5.17 -39.08
N GLU C 455 0.27 6.09 -38.82
CA GLU C 455 1.46 5.81 -38.05
C GLU C 455 1.50 6.21 -36.57
N GLU C 456 0.45 6.88 -36.10
CA GLU C 456 0.36 7.32 -34.72
C GLU C 456 -1.01 7.00 -34.15
N GLY C 457 -1.85 6.43 -35.00
CA GLY C 457 -3.15 6.06 -34.53
C GLY C 457 -3.17 4.56 -34.62
N VAL C 458 -4.29 3.92 -34.31
CA VAL C 458 -4.28 2.49 -34.45
C VAL C 458 -5.31 2.00 -35.50
N PRO C 459 -4.75 1.47 -36.62
CA PRO C 459 -5.41 0.90 -37.80
C PRO C 459 -6.13 -0.36 -37.36
N THR C 460 -7.44 -0.40 -37.56
CA THR C 460 -8.25 -1.53 -37.16
C THR C 460 -7.93 -2.76 -37.99
N GLY C 461 -7.34 -2.54 -39.15
CA GLY C 461 -6.98 -3.64 -40.05
C GLY C 461 -8.14 -4.07 -40.96
N ILE C 462 -9.29 -3.43 -40.80
CA ILE C 462 -10.48 -3.71 -41.58
C ILE C 462 -10.79 -2.61 -42.61
N ARG C 463 -10.72 -2.94 -43.90
CA ARG C 463 -11.03 -2.00 -44.97
C ARG C 463 -12.47 -2.15 -45.38
N TYR C 464 -12.98 -1.14 -46.10
CA TYR C 464 -14.36 -1.14 -46.58
C TYR C 464 -14.78 -2.46 -47.26
N ILE C 465 -13.98 -2.99 -48.19
CA ILE C 465 -14.34 -4.26 -48.82
C ILE C 465 -14.44 -5.37 -47.81
N ASP C 466 -13.43 -5.46 -46.95
CA ASP C 466 -13.39 -6.46 -45.90
C ASP C 466 -14.70 -6.43 -45.14
N GLY C 467 -15.01 -5.30 -44.52
CA GLY C 467 -16.24 -5.18 -43.75
C GLY C 467 -17.42 -5.79 -44.48
N PHE C 468 -17.40 -5.57 -45.79
CA PHE C 468 -18.41 -6.00 -46.74
C PHE C 468 -18.31 -7.47 -47.13
N ALA C 469 -17.23 -7.85 -47.82
CA ALA C 469 -17.06 -9.24 -48.23
C ALA C 469 -17.57 -10.22 -47.16
N TYR C 470 -17.52 -9.83 -45.89
CA TYR C 470 -18.02 -10.70 -44.81
C TYR C 470 -19.55 -10.70 -44.79
N TYR C 471 -20.15 -9.54 -45.04
CA TYR C 471 -21.61 -9.40 -45.06
C TYR C 471 -22.17 -10.18 -46.23
N ALA C 472 -21.43 -10.15 -47.32
CA ALA C 472 -21.81 -10.86 -48.52
C ALA C 472 -21.77 -12.37 -48.23
N ALA C 473 -20.55 -12.90 -48.10
CA ALA C 473 -20.33 -14.31 -47.84
C ALA C 473 -21.27 -14.90 -46.78
N ARG C 474 -21.88 -14.05 -45.96
CA ARG C 474 -22.80 -14.53 -44.93
C ARG C 474 -24.24 -14.48 -45.43
N LYS C 475 -24.52 -13.60 -46.40
CA LYS C 475 -25.87 -13.48 -46.94
C LYS C 475 -26.16 -14.63 -47.91
N VAL C 476 -25.11 -15.21 -48.49
CA VAL C 476 -25.24 -16.35 -49.40
C VAL C 476 -25.41 -17.62 -48.54
N GLU C 477 -24.77 -17.62 -47.38
CA GLU C 477 -24.87 -18.72 -46.44
C GLU C 477 -26.30 -18.78 -45.95
N GLU C 478 -26.99 -17.64 -46.05
CA GLU C 478 -28.39 -17.55 -45.65
C GLU C 478 -29.27 -17.98 -46.81
N ALA C 479 -28.72 -17.92 -48.01
CA ALA C 479 -29.46 -18.34 -49.21
C ALA C 479 -29.49 -19.86 -49.20
N ALA C 480 -28.35 -20.50 -48.95
CA ALA C 480 -28.25 -21.96 -48.90
C ALA C 480 -29.10 -22.58 -47.77
N MET C 481 -29.21 -21.88 -46.63
CA MET C 481 -30.00 -22.31 -45.47
C MET C 481 -31.50 -22.35 -45.77
N ARG C 482 -31.96 -21.42 -46.61
CA ARG C 482 -33.37 -21.35 -46.98
C ARG C 482 -33.67 -21.99 -48.34
N GLU C 483 -32.85 -22.97 -48.71
CA GLU C 483 -33.02 -23.71 -49.96
C GLU C 483 -32.99 -22.83 -51.19
N GLN C 484 -33.19 -21.53 -51.01
CA GLN C 484 -33.19 -20.55 -52.11
C GLN C 484 -32.12 -20.88 -53.15
N GLU C 485 -32.20 -20.25 -54.32
CA GLU C 485 -31.25 -20.52 -55.39
C GLU C 485 -30.33 -19.38 -55.81
N GLU C 486 -30.78 -18.15 -55.59
CA GLU C 486 -29.95 -17.01 -55.91
C GLU C 486 -30.24 -15.80 -55.03
N VAL C 487 -29.17 -15.05 -54.76
CA VAL C 487 -29.21 -13.85 -53.93
C VAL C 487 -28.13 -12.89 -54.48
N LYS C 488 -28.41 -11.60 -54.38
CA LYS C 488 -27.45 -10.60 -54.83
C LYS C 488 -27.53 -9.38 -53.93
N VAL C 489 -26.46 -9.12 -53.19
CA VAL C 489 -26.43 -7.98 -52.29
C VAL C 489 -25.45 -6.94 -52.84
N LYS C 490 -25.87 -5.69 -52.74
CA LYS C 490 -25.12 -4.55 -53.25
C LYS C 490 -24.37 -3.76 -52.18
N ALA C 491 -23.78 -2.66 -52.61
CA ALA C 491 -23.02 -1.75 -51.74
C ALA C 491 -22.73 -0.45 -52.50
N ARG C 492 -23.26 0.65 -52.00
CA ARG C 492 -23.05 1.91 -52.69
C ARG C 492 -22.31 3.00 -51.92
N ILE C 493 -23.10 3.77 -51.18
CA ILE C 493 -22.59 4.88 -50.41
C ILE C 493 -22.61 4.58 -48.92
N VAL C 494 -21.43 4.70 -48.34
CA VAL C 494 -21.16 4.48 -46.92
C VAL C 494 -21.34 5.75 -46.16
N GLU C 495 -22.38 5.78 -45.34
CA GLU C 495 -22.71 6.93 -44.53
C GLU C 495 -22.24 6.62 -43.10
N ASN C 496 -21.71 5.42 -42.90
CA ASN C 496 -21.26 5.04 -41.57
C ASN C 496 -20.72 3.63 -41.35
N LEU C 497 -20.65 3.26 -40.07
CA LEU C 497 -20.11 1.97 -39.67
C LEU C 497 -20.98 0.80 -40.06
N SER C 498 -22.29 0.93 -39.82
CA SER C 498 -23.21 -0.12 -40.20
C SER C 498 -23.01 -0.45 -41.69
N ASP C 499 -23.08 0.57 -42.54
CA ASP C 499 -22.92 0.41 -43.98
C ASP C 499 -21.69 -0.37 -44.38
N ILE C 500 -20.76 -0.56 -43.46
CA ILE C 500 -19.56 -1.28 -43.84
C ILE C 500 -19.49 -2.60 -43.07
N ASN C 501 -20.62 -2.97 -42.45
CA ASN C 501 -20.75 -4.19 -41.65
C ASN C 501 -19.80 -4.19 -40.43
N LEU C 502 -19.90 -3.14 -39.63
CA LEU C 502 -19.08 -2.94 -38.47
C LEU C 502 -19.94 -2.33 -37.38
N TYR C 503 -19.59 -2.60 -36.13
CA TYR C 503 -20.33 -1.98 -35.04
C TYR C 503 -19.45 -1.81 -33.82
N ILE C 504 -19.91 -0.97 -32.91
CA ILE C 504 -19.22 -0.74 -31.65
C ILE C 504 -20.37 -0.82 -30.65
N HIS C 505 -20.09 -1.33 -29.47
CA HIS C 505 -21.11 -1.47 -28.44
C HIS C 505 -21.65 -0.12 -27.94
N GLU C 506 -22.96 -0.08 -27.69
CA GLU C 506 -23.63 1.15 -27.24
C GLU C 506 -22.83 1.95 -26.25
N ASN C 507 -22.12 1.27 -25.35
CA ASN C 507 -21.35 1.99 -24.36
C ASN C 507 -20.17 2.75 -24.95
N VAL C 508 -19.50 2.18 -25.95
CA VAL C 508 -18.34 2.87 -26.51
C VAL C 508 -18.82 4.01 -27.39
N ARG C 509 -20.00 3.87 -27.95
CA ARG C 509 -20.55 4.92 -28.78
C ARG C 509 -20.92 6.08 -27.81
N ARG C 510 -21.63 5.72 -26.76
CA ARG C 510 -22.07 6.67 -25.74
C ARG C 510 -20.85 7.35 -25.10
N TYR C 511 -19.70 6.67 -25.15
CA TYR C 511 -18.44 7.20 -24.62
C TYR C 511 -17.91 8.23 -25.62
N ILE C 512 -17.68 7.79 -26.87
CA ILE C 512 -17.18 8.69 -27.90
C ILE C 512 -18.00 9.98 -28.01
N LEU C 513 -19.30 9.91 -27.78
CA LEU C 513 -20.12 11.12 -27.78
C LEU C 513 -19.68 11.94 -26.61
N TRP C 514 -19.91 11.41 -25.41
CA TRP C 514 -19.53 12.11 -24.19
C TRP C 514 -18.15 12.81 -24.26
N LYS C 515 -17.15 12.16 -24.85
CA LYS C 515 -15.82 12.77 -25.00
C LYS C 515 -15.75 13.66 -26.25
N LYS C 516 -16.91 14.12 -26.69
CA LYS C 516 -17.05 14.98 -27.88
C LYS C 516 -16.10 14.57 -28.99
N GLY C 517 -16.22 13.32 -29.40
CA GLY C 517 -15.37 12.79 -30.44
C GLY C 517 -16.22 12.38 -31.61
N LYS C 518 -15.59 12.18 -32.75
CA LYS C 518 -16.32 11.86 -33.96
C LYS C 518 -16.00 10.59 -34.71
N ILE C 519 -17.02 10.07 -35.39
CA ILE C 519 -16.84 8.90 -36.22
C ILE C 519 -17.02 9.44 -37.61
N ASP C 520 -16.11 9.10 -38.52
CA ASP C 520 -16.18 9.59 -39.89
C ASP C 520 -15.99 8.40 -40.84
N VAL C 521 -17.05 7.62 -41.04
CA VAL C 521 -16.94 6.48 -41.94
C VAL C 521 -17.83 6.78 -43.14
N ARG C 522 -17.20 7.27 -44.21
CA ARG C 522 -17.92 7.64 -45.42
C ARG C 522 -17.14 7.28 -46.66
N GLY C 523 -17.86 7.27 -47.77
CA GLY C 523 -17.24 6.98 -49.04
C GLY C 523 -18.04 6.26 -50.10
N PRO C 524 -17.55 6.29 -51.34
CA PRO C 524 -18.15 5.65 -52.49
C PRO C 524 -17.69 4.20 -52.57
N LEU C 525 -18.50 3.28 -52.04
CA LEU C 525 -18.13 1.87 -52.09
C LEU C 525 -18.50 1.32 -53.47
N PHE C 526 -19.77 1.45 -53.83
CA PHE C 526 -20.27 0.99 -55.13
C PHE C 526 -19.59 -0.29 -55.60
N VAL C 527 -19.99 -1.39 -54.98
CA VAL C 527 -19.44 -2.69 -55.30
C VAL C 527 -20.59 -3.66 -55.02
N THR C 528 -20.91 -4.51 -56.00
CA THR C 528 -22.01 -5.46 -55.85
C THR C 528 -21.59 -6.92 -56.04
N VAL C 529 -22.23 -7.79 -55.27
CA VAL C 529 -21.90 -9.21 -55.34
C VAL C 529 -23.07 -10.07 -55.78
N LYS C 530 -22.76 -10.96 -56.71
CA LYS C 530 -23.72 -11.90 -57.28
C LYS C 530 -23.23 -13.33 -57.12
N ALA C 531 -24.13 -14.20 -56.70
CA ALA C 531 -23.81 -15.61 -56.56
C ALA C 531 -25.13 -16.36 -56.55
N GLU C 532 -25.11 -17.56 -57.12
CA GLU C 532 -26.30 -18.40 -57.20
C GLU C 532 -25.97 -19.82 -56.74
N ILE C 533 -26.69 -20.29 -55.72
CA ILE C 533 -26.47 -21.63 -55.16
C ILE C 533 -27.21 -22.77 -55.83
N GLU C 534 -26.44 -23.73 -56.34
CA GLU C 534 -27.01 -24.90 -56.99
C GLU C 534 -27.15 -26.01 -55.96
#